data_4BRK
#
_entry.id   4BRK
#
_cell.length_a   80.600
_cell.length_b   82.967
_cell.length_c   109.578
_cell.angle_alpha   90.00
_cell.angle_beta   90.00
_cell.angle_gamma   90.00
#
_symmetry.space_group_name_H-M   'P 21 21 21'
#
loop_
_entity.id
_entity.type
_entity.pdbx_description
1 polymer 'ECTONUCLEOSIDE TRIPHOSPHATE DIPHOSPHOHYDROLASE I'
2 non-polymer "5'-O-[(R)-hydroxy{[(S)-hydroxy(phosphonoamino)phosphoryl]oxy}phosphoryl]uridine"
3 non-polymer 'MAGNESIUM ION'
4 non-polymer '2-(N-MORPHOLINO)-ETHANESULFONIC ACID'
5 non-polymer GLYCEROL
6 non-polymer 'CHLORIDE ION'
7 water water
#
_entity_poly.entity_id   1
_entity_poly.type   'polypeptide(L)'
_entity_poly.pdbx_seq_one_letter_code
;MDTNPCEKHSCIAVIDAGSTGSRLHIYSYDTDDTNTPIHIEEIWNKKIKPGFASIQPNSVTIDAYLTMLLADAPIHNIPV
YFYATAGMRLLPQSQQKKYYDELDYWFRQQSQWQLVEAKTITGNDEALFDWLAVNYKLDTLKSVQNKSVGVMDMGGASVQ
IVFPMPKNAEISKHNQVELNIYGQNINLYVHSFLGLGQTEMSHQFLNSPSCFANDYPLPDGESGQGNAPSCKEEVTSLMN
SVHKVNQQIQPLLALNPVNEWYSIGGISYLASSQLFHFENSELTNQSLLQQGDNQICHQQWDILNGQYPDDEYLYQYCLL
SSYYYALMVDGYGINPNQTIHYIPPEQNLDWTIGVVLHRALEHHHHHH
;
_entity_poly.pdbx_strand_id   A,B
#
# COMPACT_ATOMS: atom_id res chain seq x y z
N THR A 3 22.06 37.13 -8.91
CA THR A 3 20.60 37.49 -8.87
C THR A 3 19.86 36.65 -9.89
N ASN A 4 20.45 36.58 -11.08
CA ASN A 4 19.89 35.78 -12.14
C ASN A 4 20.91 34.65 -12.43
N PRO A 5 20.84 33.53 -11.67
CA PRO A 5 21.93 32.53 -11.85
C PRO A 5 21.87 31.85 -13.22
N CYS A 6 20.74 31.94 -13.89
CA CYS A 6 20.67 31.27 -15.16
C CYS A 6 21.09 32.16 -16.31
N GLU A 7 21.50 33.40 -16.03
CA GLU A 7 21.96 34.24 -17.11
C GLU A 7 23.38 33.88 -17.47
N LYS A 8 24.13 33.26 -16.55
CA LYS A 8 25.52 32.93 -16.84
C LYS A 8 25.85 31.44 -16.74
N HIS A 9 24.81 30.61 -16.58
CA HIS A 9 24.95 29.19 -16.48
C HIS A 9 23.77 28.52 -17.21
N SER A 10 23.95 27.27 -17.65
CA SER A 10 22.83 26.46 -18.09
C SER A 10 21.95 26.12 -16.91
N CYS A 11 20.65 25.99 -17.14
CA CYS A 11 19.71 25.59 -16.05
C CYS A 11 18.72 24.56 -16.52
N ILE A 12 18.34 23.69 -15.58
CA ILE A 12 17.39 22.62 -15.86
C ILE A 12 16.58 22.39 -14.60
N ALA A 13 15.30 21.98 -14.75
CA ALA A 13 14.45 21.58 -13.64
C ALA A 13 14.29 20.05 -13.75
N VAL A 14 14.43 19.36 -12.61
CA VAL A 14 14.25 17.90 -12.53
C VAL A 14 13.29 17.70 -11.36
N ILE A 15 12.13 17.05 -11.63
CA ILE A 15 11.17 16.71 -10.58
C ILE A 15 11.27 15.24 -10.20
N ASP A 16 11.54 14.98 -8.94
CA ASP A 16 11.42 13.63 -8.36
C ASP A 16 9.96 13.46 -7.93
N ALA A 17 9.17 12.78 -8.76
CA ALA A 17 7.74 12.49 -8.43
C ALA A 17 7.76 11.12 -7.72
N GLY A 18 8.05 11.18 -6.43
CA GLY A 18 8.25 9.96 -5.63
C GLY A 18 6.94 9.49 -4.98
N SER A 19 7.00 8.31 -4.35
CA SER A 19 5.76 7.72 -3.89
C SER A 19 5.07 8.59 -2.78
N THR A 20 5.84 9.33 -1.98
CA THR A 20 5.23 10.08 -0.83
C THR A 20 5.13 11.58 -1.10
N GLY A 21 5.67 12.02 -2.24
CA GLY A 21 5.62 13.46 -2.52
C GLY A 21 6.43 13.78 -3.77
N SER A 22 6.34 15.02 -4.25
CA SER A 22 7.17 15.44 -5.40
C SER A 22 8.10 16.57 -5.01
N ARG A 23 9.30 16.54 -5.59
CA ARG A 23 10.32 17.56 -5.28
C ARG A 23 10.80 18.15 -6.56
N LEU A 24 10.56 19.44 -6.69
CA LEU A 24 11.10 20.22 -7.80
C LEU A 24 12.53 20.68 -7.42
N HIS A 25 13.49 20.39 -8.30
CA HIS A 25 14.83 20.94 -8.16
C HIS A 25 15.12 21.75 -9.39
N ILE A 26 15.68 22.94 -9.21
CA ILE A 26 16.27 23.65 -10.36
C ILE A 26 17.78 23.73 -10.12
N TYR A 27 18.55 23.31 -11.12
CA TYR A 27 19.99 23.30 -10.99
C TYR A 27 20.59 24.24 -12.00
N SER A 28 21.63 24.98 -11.58
CA SER A 28 22.44 25.71 -12.56
C SER A 28 23.69 24.85 -12.75
N TYR A 29 24.36 24.99 -13.92
CA TYR A 29 25.59 24.21 -14.17
C TYR A 29 26.36 24.79 -15.31
N ASP A 30 27.66 24.46 -15.36
CA ASP A 30 28.50 24.72 -16.54
C ASP A 30 28.80 23.41 -17.22
N THR A 31 29.55 23.40 -18.32
CA THR A 31 29.91 22.09 -18.88
C THR A 31 31.38 22.13 -19.25
N ASP A 32 31.96 20.94 -19.26
CA ASP A 32 33.35 20.75 -19.65
C ASP A 32 33.49 20.55 -21.16
N ASP A 33 34.70 20.21 -21.59
CA ASP A 33 35.03 20.07 -23.03
CA ASP A 33 35.01 20.11 -23.04
C ASP A 33 34.17 19.10 -23.82
N THR A 34 33.40 18.27 -23.12
CA THR A 34 32.54 17.31 -23.78
C THR A 34 31.07 17.67 -23.57
N ASN A 35 30.82 18.87 -23.00
CA ASN A 35 29.46 19.33 -22.76
C ASN A 35 28.82 18.50 -21.64
N THR A 36 29.66 17.90 -20.79
CA THR A 36 29.17 17.23 -19.57
C THR A 36 29.05 18.24 -18.45
N PRO A 37 27.93 18.17 -17.67
CA PRO A 37 27.76 19.14 -16.60
C PRO A 37 28.85 19.04 -15.51
N ILE A 38 29.29 20.24 -15.05
CA ILE A 38 30.16 20.43 -13.89
C ILE A 38 29.56 21.61 -13.10
N HIS A 39 30.02 21.79 -11.85
CA HIS A 39 29.58 22.95 -11.06
C HIS A 39 28.07 22.93 -10.90
N ILE A 40 27.50 21.76 -10.70
CA ILE A 40 26.05 21.68 -10.55
C ILE A 40 25.64 22.25 -9.21
N GLU A 41 24.75 23.24 -9.20
CA GLU A 41 24.31 23.89 -7.92
C GLU A 41 22.81 23.89 -7.89
N GLU A 42 22.23 23.56 -6.77
CA GLU A 42 20.76 23.61 -6.62
C GLU A 42 20.38 25.02 -6.27
N ILE A 43 19.63 25.66 -7.17
CA ILE A 43 19.25 27.07 -7.00
C ILE A 43 17.81 27.23 -6.51
N TRP A 44 17.06 26.11 -6.53
CA TRP A 44 15.68 26.09 -6.02
C TRP A 44 15.25 24.68 -5.70
N ASN A 45 14.54 24.53 -4.59
CA ASN A 45 13.94 23.22 -4.17
C ASN A 45 12.57 23.54 -3.65
N LYS A 46 11.57 22.80 -4.11
CA LYS A 46 10.27 22.86 -3.43
C LYS A 46 9.72 21.43 -3.35
N LYS A 47 9.20 21.06 -2.15
CA LYS A 47 8.71 19.70 -1.86
C LYS A 47 7.26 19.81 -1.52
N ILE A 48 6.44 18.96 -2.14
CA ILE A 48 5.03 18.90 -1.78
C ILE A 48 4.63 17.45 -1.54
N LYS A 49 3.50 17.28 -0.87
CA LYS A 49 2.86 15.99 -0.54
C LYS A 49 1.39 16.08 -0.97
N PRO A 50 0.74 14.93 -1.28
CA PRO A 50 1.27 13.54 -1.24
C PRO A 50 1.92 13.24 -2.58
N GLY A 51 2.14 11.97 -2.84
CA GLY A 51 2.78 11.52 -4.10
C GLY A 51 1.80 11.75 -5.25
N PHE A 52 2.31 12.16 -6.41
CA PHE A 52 1.49 12.38 -7.61
C PHE A 52 0.62 11.16 -7.94
N ALA A 53 1.15 9.94 -7.81
CA ALA A 53 0.39 8.71 -8.20
C ALA A 53 -0.70 8.37 -7.17
N SER A 54 -0.89 9.20 -6.13
CA SER A 54 -1.93 8.92 -5.12
CA SER A 54 -1.91 8.95 -5.10
C SER A 54 -3.15 9.78 -5.30
N ILE A 55 -3.03 10.87 -6.08
CA ILE A 55 -4.14 11.86 -6.21
C ILE A 55 -5.11 11.45 -7.29
N GLN A 56 -6.32 12.01 -7.22
CA GLN A 56 -7.33 11.71 -8.24
C GLN A 56 -6.87 12.27 -9.58
N PRO A 57 -6.79 11.40 -10.61
CA PRO A 57 -6.20 11.85 -11.93
C PRO A 57 -7.21 12.61 -12.84
N ASN A 58 -7.69 13.74 -12.35
CA ASN A 58 -8.56 14.60 -13.15
C ASN A 58 -7.90 15.96 -13.35
N SER A 59 -8.38 16.72 -14.34
CA SER A 59 -7.69 17.95 -14.74
C SER A 59 -7.65 19.01 -13.59
N VAL A 60 -8.72 19.12 -12.80
CA VAL A 60 -8.75 20.09 -11.69
C VAL A 60 -7.73 19.73 -10.59
N THR A 61 -7.71 18.46 -10.20
CA THR A 61 -6.80 17.98 -9.14
C THR A 61 -5.35 18.10 -9.62
N ILE A 62 -5.12 17.69 -10.86
CA ILE A 62 -3.73 17.71 -11.39
C ILE A 62 -3.25 19.16 -11.55
N ASP A 63 -4.12 20.03 -12.05
CA ASP A 63 -3.77 21.46 -12.18
C ASP A 63 -3.41 22.07 -10.84
N ALA A 64 -4.20 21.78 -9.79
CA ALA A 64 -3.88 22.32 -8.46
C ALA A 64 -2.52 21.80 -7.97
N TYR A 65 -2.26 20.54 -8.27
CA TYR A 65 -1.08 19.89 -7.68
C TYR A 65 0.20 20.47 -8.39
N LEU A 66 0.16 20.56 -9.72
CA LEU A 66 1.25 21.12 -10.49
C LEU A 66 1.45 22.60 -10.24
N THR A 67 0.37 23.32 -10.07
CA THR A 67 0.44 24.72 -9.71
C THR A 67 1.12 24.88 -8.35
N MET A 68 0.75 24.04 -7.38
CA MET A 68 1.37 24.12 -6.05
C MET A 68 2.89 23.84 -6.18
N LEU A 69 3.23 22.87 -7.03
CA LEU A 69 4.60 22.42 -7.11
C LEU A 69 5.51 23.46 -7.83
N LEU A 70 4.96 24.13 -8.86
CA LEU A 70 5.70 24.92 -9.82
C LEU A 70 5.54 26.44 -9.76
N ALA A 71 4.38 26.92 -9.35
CA ALA A 71 4.04 28.32 -9.66
C ALA A 71 5.03 29.36 -9.08
N ASP A 72 5.49 29.14 -7.85
CA ASP A 72 6.35 30.16 -7.18
C ASP A 72 7.86 30.01 -7.55
N ALA A 73 8.20 29.14 -8.50
CA ALA A 73 9.62 28.91 -8.83
C ALA A 73 10.25 30.20 -9.37
N PRO A 74 11.51 30.49 -9.00
CA PRO A 74 12.06 31.81 -9.41
C PRO A 74 12.37 31.92 -10.89
N ILE A 75 12.51 30.78 -11.57
CA ILE A 75 12.76 30.79 -13.02
C ILE A 75 11.93 29.66 -13.61
N HIS A 76 11.32 29.96 -14.76
CA HIS A 76 10.36 29.03 -15.35
C HIS A 76 10.71 28.60 -16.79
N ASN A 77 11.48 29.42 -17.53
CA ASN A 77 11.64 29.25 -19.03
C ASN A 77 12.85 28.30 -19.33
N ILE A 78 12.77 27.11 -18.79
CA ILE A 78 13.89 26.14 -18.82
C ILE A 78 13.35 24.73 -19.07
N PRO A 79 14.23 23.82 -19.51
CA PRO A 79 13.78 22.42 -19.68
C PRO A 79 13.38 21.77 -18.36
N VAL A 80 12.35 20.91 -18.39
CA VAL A 80 11.87 20.24 -17.20
C VAL A 80 11.74 18.74 -17.51
N TYR A 81 12.25 17.90 -16.60
CA TYR A 81 12.01 16.45 -16.59
C TYR A 81 11.12 16.14 -15.43
N PHE A 82 10.02 15.47 -15.72
CA PHE A 82 9.13 15.05 -14.66
C PHE A 82 9.26 13.52 -14.62
N TYR A 83 9.97 13.02 -13.63
CA TYR A 83 10.27 11.58 -13.55
C TYR A 83 9.65 10.96 -12.31
N ALA A 84 8.70 10.08 -12.51
CA ALA A 84 8.03 9.40 -11.39
C ALA A 84 8.69 8.06 -11.12
N THR A 85 8.64 7.68 -9.86
CA THR A 85 9.29 6.46 -9.41
C THR A 85 8.25 5.41 -8.93
N ALA A 86 8.52 4.68 -7.82
CA ALA A 86 7.78 3.47 -7.53
C ALA A 86 6.30 3.71 -7.23
N GLY A 87 5.89 4.91 -6.76
CA GLY A 87 4.44 5.14 -6.56
C GLY A 87 3.67 4.96 -7.87
N MET A 88 4.22 5.45 -8.98
CA MET A 88 3.55 5.27 -10.26
CA MET A 88 3.54 5.25 -10.27
C MET A 88 3.68 3.81 -10.77
N ARG A 89 4.83 3.16 -10.47
CA ARG A 89 5.05 1.76 -10.89
C ARG A 89 4.05 0.79 -10.28
N LEU A 90 3.42 1.20 -9.19
CA LEU A 90 2.40 0.35 -8.55
C LEU A 90 1.13 0.28 -9.42
N LEU A 91 0.97 1.22 -10.38
CA LEU A 91 -0.28 1.32 -11.15
C LEU A 91 -0.11 0.70 -12.51
N PRO A 92 -1.20 0.11 -13.06
CA PRO A 92 -1.09 -0.47 -14.43
C PRO A 92 -0.93 0.70 -15.42
N GLN A 93 -0.38 0.41 -16.59
CA GLN A 93 -0.14 1.43 -17.63
C GLN A 93 -1.43 2.26 -17.95
N SER A 94 -2.61 1.59 -18.03
CA SER A 94 -3.86 2.30 -18.32
C SER A 94 -4.13 3.43 -17.32
N GLN A 95 -3.77 3.21 -16.05
CA GLN A 95 -4.01 4.20 -15.00
CA GLN A 95 -4.00 4.20 -15.03
C GLN A 95 -2.92 5.28 -15.06
N GLN A 96 -1.67 4.86 -15.28
CA GLN A 96 -0.58 5.87 -15.46
C GLN A 96 -0.83 6.81 -16.60
N LYS A 97 -1.39 6.26 -17.68
CA LYS A 97 -1.65 7.04 -18.93
C LYS A 97 -2.58 8.22 -18.63
N LYS A 98 -3.57 7.99 -17.75
CA LYS A 98 -4.53 9.08 -17.36
C LYS A 98 -3.73 10.26 -16.76
N TYR A 99 -2.81 9.95 -15.85
CA TYR A 99 -1.98 11.02 -15.22
C TYR A 99 -1.11 11.71 -16.28
N TYR A 100 -0.44 10.96 -17.15
CA TYR A 100 0.52 11.63 -18.08
C TYR A 100 -0.25 12.39 -19.14
N ASP A 101 -1.39 11.87 -19.61
CA ASP A 101 -2.18 12.65 -20.57
C ASP A 101 -2.60 14.02 -19.96
N GLU A 102 -3.03 14.05 -18.70
CA GLU A 102 -3.46 15.30 -18.04
C GLU A 102 -2.25 16.21 -17.82
N LEU A 103 -1.16 15.61 -17.39
CA LEU A 103 0.07 16.39 -17.18
C LEU A 103 0.55 16.99 -18.51
N ASP A 104 0.53 16.18 -19.58
CA ASP A 104 0.97 16.66 -20.92
C ASP A 104 0.10 17.87 -21.34
N TYR A 105 -1.23 17.74 -21.16
CA TYR A 105 -2.13 18.83 -21.44
C TYR A 105 -1.75 20.09 -20.62
N TRP A 106 -1.58 19.95 -19.31
CA TRP A 106 -1.25 21.09 -18.46
C TRP A 106 0.02 21.82 -18.97
N PHE A 107 1.06 21.05 -19.31
CA PHE A 107 2.27 21.70 -19.84
C PHE A 107 2.06 22.36 -21.22
N ARG A 108 1.25 21.75 -22.09
CA ARG A 108 0.93 22.37 -23.40
C ARG A 108 0.18 23.68 -23.26
N GLN A 109 -0.53 23.84 -22.13
CA GLN A 109 -1.41 25.00 -21.88
C GLN A 109 -0.66 26.26 -21.45
N GLN A 110 0.63 26.09 -21.12
CA GLN A 110 1.43 27.24 -20.66
C GLN A 110 2.67 27.37 -21.59
N SER A 111 3.42 28.44 -21.42
CA SER A 111 4.50 28.73 -22.39
CA SER A 111 4.44 28.85 -22.38
C SER A 111 5.80 29.11 -21.73
N GLN A 112 5.96 28.78 -20.44
CA GLN A 112 7.19 29.08 -19.70
C GLN A 112 8.02 27.81 -19.58
N TRP A 113 7.51 26.80 -18.85
CA TRP A 113 8.21 25.54 -18.71
C TRP A 113 8.36 24.86 -20.04
N GLN A 114 9.50 24.20 -20.24
CA GLN A 114 9.76 23.45 -21.50
C GLN A 114 9.86 21.96 -21.16
N LEU A 115 8.70 21.31 -21.19
CA LEU A 115 8.67 19.92 -20.80
C LEU A 115 9.48 19.06 -21.80
N VAL A 116 10.49 18.38 -21.30
CA VAL A 116 11.30 17.50 -22.15
C VAL A 116 10.68 16.09 -22.14
N GLU A 117 10.48 15.56 -20.93
CA GLU A 117 9.89 14.18 -20.76
C GLU A 117 9.10 14.15 -19.47
N ALA A 118 7.94 13.49 -19.49
CA ALA A 118 7.18 13.15 -18.27
C ALA A 118 6.92 11.65 -18.36
N LYS A 119 7.58 10.87 -17.50
CA LYS A 119 7.46 9.42 -17.58
C LYS A 119 7.74 8.76 -16.27
N THR A 120 7.36 7.50 -16.17
CA THR A 120 7.74 6.67 -15.01
C THR A 120 9.10 6.04 -15.36
N ILE A 121 10.14 6.37 -14.59
CA ILE A 121 11.43 5.80 -14.90
C ILE A 121 11.52 4.39 -14.38
N THR A 122 12.35 3.56 -15.00
CA THR A 122 12.53 2.22 -14.50
C THR A 122 13.24 2.27 -13.13
N GLY A 123 13.11 1.17 -12.35
CA GLY A 123 13.85 1.04 -11.09
C GLY A 123 15.36 0.99 -11.34
N ASN A 124 15.78 0.39 -12.49
CA ASN A 124 17.22 0.31 -12.79
C ASN A 124 17.76 1.70 -13.13
N ASP A 125 17.00 2.53 -13.87
CA ASP A 125 17.41 3.91 -14.13
C ASP A 125 17.44 4.75 -12.84
N GLU A 126 16.44 4.57 -12.01
CA GLU A 126 16.41 5.23 -10.70
C GLU A 126 17.71 4.88 -9.91
N ALA A 127 18.02 3.57 -9.86
CA ALA A 127 19.26 3.11 -9.19
C ALA A 127 20.53 3.73 -9.80
N LEU A 128 20.59 3.74 -11.15
CA LEU A 128 21.72 4.41 -11.80
C LEU A 128 21.84 5.88 -11.42
N PHE A 129 20.71 6.59 -11.41
CA PHE A 129 20.71 8.03 -11.02
C PHE A 129 21.08 8.15 -9.52
N ASP A 130 20.62 7.21 -8.67
CA ASP A 130 20.99 7.19 -7.24
C ASP A 130 22.52 7.20 -7.15
N TRP A 131 23.17 6.26 -7.87
CA TRP A 131 24.62 6.13 -7.75
C TRP A 131 25.36 7.38 -8.30
N LEU A 132 24.89 7.89 -9.45
CA LEU A 132 25.55 9.09 -10.06
C LEU A 132 25.44 10.28 -9.11
N ALA A 133 24.25 10.45 -8.49
CA ALA A 133 24.02 11.63 -7.64
C ALA A 133 24.98 11.59 -6.44
N VAL A 134 25.05 10.45 -5.77
CA VAL A 134 25.93 10.36 -4.61
C VAL A 134 27.40 10.54 -5.00
N ASN A 135 27.86 9.87 -6.07
CA ASN A 135 29.24 10.00 -6.43
C ASN A 135 29.60 11.40 -6.97
N TYR A 136 28.64 12.06 -7.62
CA TYR A 136 28.85 13.49 -7.96
C TYR A 136 29.17 14.28 -6.69
N LYS A 137 28.32 14.10 -5.67
CA LYS A 137 28.53 14.88 -4.45
CA LYS A 137 28.45 14.76 -4.35
C LYS A 137 29.80 14.48 -3.70
N LEU A 138 30.23 13.20 -3.78
CA LEU A 138 31.50 12.78 -3.17
C LEU A 138 32.72 13.21 -4.00
N ASP A 139 32.48 13.75 -5.20
CA ASP A 139 33.62 14.12 -6.07
C ASP A 139 34.49 12.89 -6.39
N THR A 140 33.84 11.79 -6.69
CA THR A 140 34.54 10.54 -7.07
C THR A 140 34.45 10.21 -8.57
N LEU A 141 33.80 11.04 -9.35
CA LEU A 141 33.58 10.65 -10.78
C LEU A 141 34.72 11.11 -11.70
N LYS A 142 35.47 12.13 -11.26
CA LYS A 142 36.52 12.78 -12.05
C LYS A 142 37.70 11.86 -12.30
N SER A 143 37.85 10.85 -11.45
CA SER A 143 39.01 10.00 -11.57
C SER A 143 38.68 8.57 -11.24
N VAL A 144 39.51 7.65 -11.71
CA VAL A 144 39.27 6.24 -11.51
C VAL A 144 39.50 5.85 -10.04
N GLN A 145 38.43 5.42 -9.38
CA GLN A 145 38.53 5.02 -7.96
C GLN A 145 39.15 3.69 -7.77
N ASN A 146 40.03 3.62 -6.78
CA ASN A 146 40.67 2.35 -6.43
C ASN A 146 39.88 1.65 -5.33
N LYS A 147 38.63 2.09 -5.13
CA LYS A 147 37.76 1.48 -4.10
C LYS A 147 36.34 1.51 -4.60
N SER A 148 35.52 0.59 -4.10
CA SER A 148 34.14 0.45 -4.54
C SER A 148 33.16 1.23 -3.65
N VAL A 149 32.38 2.15 -4.27
CA VAL A 149 31.35 2.91 -3.50
C VAL A 149 29.97 2.30 -3.87
N GLY A 150 29.20 1.87 -2.89
CA GLY A 150 27.87 1.27 -3.10
C GLY A 150 26.85 2.27 -2.57
N VAL A 151 25.70 2.36 -3.25
CA VAL A 151 24.63 3.29 -2.82
C VAL A 151 23.33 2.51 -2.61
N MET A 152 22.60 2.85 -1.53
CA MET A 152 21.25 2.32 -1.29
C MET A 152 20.33 3.49 -1.22
N ASP A 153 19.18 3.40 -1.91
CA ASP A 153 18.20 4.46 -1.75
C ASP A 153 16.95 3.80 -1.11
N MET A 154 16.67 4.23 0.14
CA MET A 154 15.64 3.67 0.97
C MET A 154 14.34 4.46 0.84
N GLY A 155 13.61 4.22 -0.24
CA GLY A 155 12.40 5.08 -0.54
C GLY A 155 11.14 4.48 0.11
N GLY A 156 10.00 5.05 -0.25
CA GLY A 156 8.72 4.73 0.32
C GLY A 156 8.06 3.54 -0.33
N ALA A 157 8.24 3.35 -1.65
CA ALA A 157 7.55 2.23 -2.34
C ALA A 157 8.54 1.24 -2.93
N SER A 158 9.75 1.67 -3.30
CA SER A 158 10.79 0.69 -3.66
C SER A 158 12.10 1.10 -2.94
N VAL A 159 13.04 0.14 -2.90
CA VAL A 159 14.40 0.41 -2.49
C VAL A 159 15.35 0.03 -3.61
N GLN A 160 16.43 0.80 -3.80
CA GLN A 160 17.43 0.49 -4.84
C GLN A 160 18.75 0.15 -4.13
N ILE A 161 19.49 -0.73 -4.78
CA ILE A 161 20.86 -1.00 -4.42
C ILE A 161 21.69 -0.99 -5.71
N VAL A 162 22.88 -0.43 -5.65
CA VAL A 162 23.71 -0.25 -6.85
C VAL A 162 25.16 -0.22 -6.41
N PHE A 163 26.01 -0.95 -7.14
CA PHE A 163 27.45 -0.97 -6.81
C PHE A 163 28.24 -1.45 -8.02
N PRO A 164 29.56 -1.14 -8.04
CA PRO A 164 30.40 -1.52 -9.15
C PRO A 164 30.46 -3.02 -9.31
N MET A 165 30.39 -3.45 -10.58
CA MET A 165 30.57 -4.85 -10.93
CA MET A 165 30.52 -4.87 -10.94
C MET A 165 31.11 -4.89 -12.34
N PRO A 166 32.28 -5.54 -12.52
CA PRO A 166 32.78 -5.61 -13.91
C PRO A 166 31.80 -6.31 -14.85
N LYS A 167 31.81 -5.90 -16.11
CA LYS A 167 30.95 -6.51 -17.09
C LYS A 167 31.27 -7.99 -17.13
N ASN A 168 30.22 -8.79 -17.18
CA ASN A 168 30.44 -10.21 -17.28
C ASN A 168 29.28 -10.86 -18.00
N ALA A 169 29.49 -12.10 -18.42
CA ALA A 169 28.49 -12.95 -19.08
C ALA A 169 27.85 -13.94 -18.10
N GLU A 170 28.14 -13.83 -16.79
CA GLU A 170 27.50 -14.72 -15.79
C GLU A 170 26.08 -14.22 -15.45
N ILE A 171 25.96 -12.89 -15.30
CA ILE A 171 24.77 -12.17 -14.79
C ILE A 171 23.99 -11.59 -15.98
N SER A 172 22.67 -11.55 -15.86
CA SER A 172 21.81 -11.01 -16.90
C SER A 172 22.22 -9.57 -17.24
N LYS A 173 22.23 -9.26 -18.56
CA LYS A 173 22.48 -7.87 -19.04
C LYS A 173 21.47 -6.85 -18.47
N HIS A 174 20.29 -7.34 -18.09
CA HIS A 174 19.21 -6.50 -17.52
C HIS A 174 19.64 -5.69 -16.26
N ASN A 175 20.46 -6.27 -15.38
CA ASN A 175 20.87 -5.55 -14.16
C ASN A 175 22.31 -5.02 -14.19
N GLN A 176 22.91 -4.90 -15.38
CA GLN A 176 24.28 -4.38 -15.57
C GLN A 176 24.18 -3.09 -16.44
N VAL A 177 24.83 -2.03 -16.02
CA VAL A 177 24.85 -0.78 -16.77
C VAL A 177 26.29 -0.30 -16.92
N GLU A 178 26.54 0.22 -18.10
CA GLU A 178 27.83 0.79 -18.42
C GLU A 178 27.66 2.26 -18.71
N LEU A 179 28.52 3.07 -18.14
CA LEU A 179 28.47 4.49 -18.49
C LEU A 179 29.86 5.03 -18.61
N ASN A 180 29.97 6.05 -19.45
CA ASN A 180 31.19 6.79 -19.64
CA ASN A 180 31.22 6.79 -19.61
C ASN A 180 30.97 8.21 -19.15
N ILE A 181 31.70 8.61 -18.12
CA ILE A 181 31.56 9.96 -17.66
C ILE A 181 32.91 10.54 -17.26
N TYR A 182 33.15 11.80 -17.65
CA TYR A 182 34.42 12.50 -17.37
C TYR A 182 35.59 11.61 -17.83
N GLY A 183 35.39 10.96 -18.97
CA GLY A 183 36.44 10.16 -19.61
C GLY A 183 36.72 8.79 -19.03
N GLN A 184 35.91 8.34 -18.05
CA GLN A 184 36.09 6.99 -17.51
C GLN A 184 34.87 6.11 -17.73
N ASN A 185 35.17 4.82 -17.77
CA ASN A 185 34.19 3.82 -18.01
C ASN A 185 33.82 3.14 -16.71
N ILE A 186 32.51 3.13 -16.38
CA ILE A 186 32.06 2.64 -15.08
C ILE A 186 31.01 1.58 -15.31
N ASN A 187 31.20 0.44 -14.68
CA ASN A 187 30.28 -0.68 -14.80
C ASN A 187 29.60 -0.98 -13.48
N LEU A 188 28.27 -0.97 -13.48
CA LEU A 188 27.50 -1.09 -12.24
C LEU A 188 26.49 -2.20 -12.30
N TYR A 189 26.29 -2.84 -11.16
CA TYR A 189 25.09 -3.69 -10.97
C TYR A 189 23.98 -2.79 -10.38
N VAL A 190 22.75 -2.92 -10.90
CA VAL A 190 21.60 -2.09 -10.43
C VAL A 190 20.44 -2.99 -10.11
N HIS A 191 19.70 -2.70 -9.05
CA HIS A 191 18.49 -3.47 -8.72
C HIS A 191 17.56 -2.60 -7.89
N SER A 192 16.27 -2.72 -8.17
CA SER A 192 15.23 -2.05 -7.41
C SER A 192 14.21 -3.12 -7.01
N PHE A 193 13.75 -3.06 -5.77
CA PHE A 193 12.73 -3.99 -5.23
C PHE A 193 11.42 -3.28 -4.98
N LEU A 194 10.47 -3.46 -5.88
CA LEU A 194 9.15 -2.78 -5.73
C LEU A 194 8.34 -3.49 -4.61
N GLY A 195 7.72 -2.67 -3.78
CA GLY A 195 6.94 -3.16 -2.67
C GLY A 195 7.74 -3.21 -1.37
N LEU A 196 9.08 -3.07 -1.45
CA LEU A 196 9.88 -3.12 -0.23
C LEU A 196 10.29 -1.77 0.29
N GLY A 197 9.78 -0.71 -0.33
CA GLY A 197 9.96 0.66 0.27
C GLY A 197 9.20 0.72 1.60
N GLN A 198 9.49 1.73 2.43
CA GLN A 198 9.00 1.72 3.80
C GLN A 198 7.45 1.75 3.92
N THR A 199 6.75 2.50 3.06
CA THR A 199 5.32 2.62 3.23
C THR A 199 4.67 1.30 2.89
N GLU A 200 5.06 0.77 1.73
CA GLU A 200 4.46 -0.51 1.25
C GLU A 200 4.77 -1.67 2.21
N MET A 201 6.01 -1.77 2.69
CA MET A 201 6.42 -2.79 3.62
C MET A 201 5.57 -2.63 4.89
N SER A 202 5.42 -1.39 5.40
CA SER A 202 4.82 -1.18 6.71
C SER A 202 3.38 -1.72 6.68
N HIS A 203 2.70 -1.73 5.53
CA HIS A 203 1.30 -2.17 5.51
C HIS A 203 1.09 -3.65 5.80
N GLN A 204 2.18 -4.41 5.91
CA GLN A 204 2.11 -5.81 6.28
C GLN A 204 2.33 -6.04 7.77
N PHE A 205 2.66 -5.01 8.54
CA PHE A 205 3.11 -5.19 9.94
C PHE A 205 2.43 -4.23 10.91
N LEU A 206 1.32 -3.59 10.49
CA LEU A 206 0.74 -2.57 11.38
C LEU A 206 0.11 -3.14 12.63
N ASN A 207 -0.30 -4.42 12.58
CA ASN A 207 -0.81 -5.08 13.77
C ASN A 207 0.20 -5.99 14.45
N SER A 208 1.49 -5.75 14.19
CA SER A 208 2.50 -6.50 14.88
C SER A 208 2.99 -5.79 16.19
N PRO A 209 2.64 -6.37 17.38
CA PRO A 209 2.95 -5.60 18.60
C PRO A 209 4.46 -5.41 18.74
N SER A 210 5.26 -6.39 18.25
CA SER A 210 6.72 -6.24 18.40
C SER A 210 7.31 -5.02 17.65
N CYS A 211 6.53 -4.45 16.71
CA CYS A 211 7.05 -3.40 15.82
C CYS A 211 6.68 -1.98 16.31
N PHE A 212 6.05 -1.90 17.51
CA PHE A 212 5.58 -0.58 18.03
C PHE A 212 5.89 -0.42 19.48
N ALA A 213 5.98 0.83 19.96
CA ALA A 213 6.23 1.11 21.39
C ALA A 213 5.15 0.48 22.27
N ASN A 214 5.53 0.14 23.50
CA ASN A 214 4.57 -0.42 24.47
C ASN A 214 3.33 0.43 24.56
N ASP A 215 2.16 -0.23 24.40
CA ASP A 215 0.85 0.45 24.53
C ASP A 215 0.53 1.37 23.36
N TYR A 216 1.33 1.37 22.28
CA TYR A 216 0.91 2.06 21.09
C TYR A 216 -0.41 1.43 20.59
N PRO A 217 -1.40 2.25 20.19
CA PRO A 217 -2.70 1.67 19.82
C PRO A 217 -2.65 1.11 18.37
N LEU A 218 -2.55 -0.20 18.22
CA LEU A 218 -2.55 -0.82 16.92
C LEU A 218 -3.93 -0.70 16.28
N PRO A 219 -3.98 -0.75 14.94
CA PRO A 219 -5.30 -0.49 14.29
C PRO A 219 -6.38 -1.48 14.72
N ASP A 220 -6.01 -2.74 14.96
CA ASP A 220 -6.89 -3.86 15.36
CA ASP A 220 -7.15 -3.57 15.27
C ASP A 220 -7.39 -3.77 16.80
N GLY A 221 -6.87 -2.81 17.58
CA GLY A 221 -7.28 -2.69 18.98
C GLY A 221 -6.31 -3.31 19.99
N GLU A 222 -5.33 -4.08 19.53
CA GLU A 222 -4.32 -4.62 20.44
C GLU A 222 -3.29 -3.49 20.74
N SER A 223 -2.41 -3.77 21.68
CA SER A 223 -1.38 -2.82 22.16
C SER A 223 0.00 -3.15 21.64
N GLY A 224 0.80 -2.10 21.37
CA GLY A 224 2.21 -2.30 21.06
C GLY A 224 2.89 -3.06 22.21
N GLN A 225 3.91 -3.83 21.89
CA GLN A 225 4.78 -4.45 22.90
C GLN A 225 6.13 -4.62 22.24
N GLY A 226 6.88 -3.51 22.15
CA GLY A 226 8.00 -3.44 21.19
C GLY A 226 9.13 -4.41 21.47
N ASN A 227 9.67 -4.98 20.39
CA ASN A 227 10.80 -5.91 20.52
C ASN A 227 11.50 -5.97 19.16
N ALA A 228 12.57 -5.16 19.02
CA ALA A 228 13.11 -4.92 17.69
C ALA A 228 13.61 -6.26 17.08
N PRO A 229 14.33 -7.11 17.87
CA PRO A 229 14.77 -8.38 17.24
C PRO A 229 13.59 -9.16 16.69
N SER A 230 12.50 -9.22 17.44
CA SER A 230 11.28 -9.91 16.95
CA SER A 230 11.32 -9.93 16.94
C SER A 230 10.67 -9.27 15.74
N CYS A 231 10.54 -7.94 15.78
CA CYS A 231 10.00 -7.21 14.60
C CYS A 231 10.90 -7.44 13.39
N LYS A 232 12.23 -7.33 13.59
CA LYS A 232 13.16 -7.60 12.51
C LYS A 232 12.96 -8.97 11.90
N GLU A 233 12.80 -10.05 12.69
CA GLU A 233 12.57 -11.39 12.13
C GLU A 233 11.27 -11.42 11.29
N GLU A 234 10.25 -10.70 11.75
CA GLU A 234 9.01 -10.60 10.91
C GLU A 234 9.28 -9.97 9.54
N VAL A 235 9.97 -8.86 9.56
CA VAL A 235 10.23 -8.13 8.30
C VAL A 235 11.14 -9.01 7.42
N THR A 236 12.13 -9.68 8.02
CA THR A 236 12.99 -10.60 7.25
C THR A 236 12.18 -11.64 6.44
N SER A 237 11.08 -12.15 7.01
CA SER A 237 10.29 -13.14 6.27
CA SER A 237 10.28 -13.12 6.27
C SER A 237 9.76 -12.51 4.97
N LEU A 238 9.37 -11.21 5.00
CA LEU A 238 8.95 -10.52 3.74
C LEU A 238 10.17 -10.36 2.80
N MET A 239 11.31 -9.97 3.34
CA MET A 239 12.48 -9.74 2.50
C MET A 239 12.90 -11.02 1.76
N ASN A 240 12.96 -12.11 2.50
CA ASN A 240 13.64 -13.31 1.97
C ASN A 240 12.71 -14.45 1.63
N SER A 241 11.70 -14.77 2.49
CA SER A 241 10.78 -15.86 2.12
C SER A 241 9.87 -15.46 0.99
N VAL A 242 9.48 -14.19 0.93
CA VAL A 242 8.66 -13.76 -0.17
C VAL A 242 9.53 -13.25 -1.32
N HIS A 243 10.33 -12.18 -1.11
CA HIS A 243 11.06 -11.55 -2.20
C HIS A 243 12.44 -12.16 -2.57
N LYS A 244 12.97 -13.05 -1.75
CA LYS A 244 14.25 -13.74 -2.01
C LYS A 244 15.35 -12.66 -2.23
N VAL A 245 15.33 -11.55 -1.42
CA VAL A 245 16.35 -10.51 -1.55
C VAL A 245 17.75 -11.16 -1.37
N ASN A 246 17.88 -11.98 -0.32
CA ASN A 246 19.17 -12.56 -0.02
C ASN A 246 19.79 -13.38 -1.18
N GLN A 247 18.96 -14.21 -1.82
CA GLN A 247 19.41 -15.09 -2.90
C GLN A 247 19.79 -14.26 -4.12
N GLN A 248 19.15 -13.07 -4.30
CA GLN A 248 19.43 -12.25 -5.47
C GLN A 248 20.68 -11.39 -5.26
N ILE A 249 20.90 -10.94 -4.04
CA ILE A 249 21.92 -9.89 -3.82
C ILE A 249 23.22 -10.44 -3.21
N GLN A 250 23.08 -11.32 -2.22
CA GLN A 250 24.29 -11.78 -1.50
C GLN A 250 25.41 -12.39 -2.35
N PRO A 251 25.08 -13.25 -3.33
CA PRO A 251 26.17 -13.86 -4.13
C PRO A 251 26.95 -12.81 -4.92
N LEU A 252 26.25 -11.79 -5.36
CA LEU A 252 26.88 -10.74 -6.16
C LEU A 252 27.73 -9.80 -5.30
N LEU A 253 27.25 -9.43 -4.09
CA LEU A 253 28.10 -8.61 -3.21
C LEU A 253 29.30 -9.40 -2.72
N ALA A 254 29.15 -10.74 -2.56
CA ALA A 254 30.31 -11.56 -2.13
C ALA A 254 31.40 -11.44 -3.23
N LEU A 255 31.02 -11.47 -4.49
CA LEU A 255 31.98 -11.41 -5.61
C LEU A 255 32.50 -10.00 -5.91
N ASN A 256 31.77 -9.00 -5.41
CA ASN A 256 32.07 -7.57 -5.75
C ASN A 256 31.94 -6.72 -4.47
N PRO A 257 32.85 -6.90 -3.51
CA PRO A 257 32.66 -6.27 -2.21
C PRO A 257 32.69 -4.75 -2.33
N VAL A 258 31.90 -4.12 -1.47
CA VAL A 258 31.78 -2.67 -1.44
C VAL A 258 32.63 -2.17 -0.26
N ASN A 259 33.48 -1.18 -0.54
CA ASN A 259 34.29 -0.56 0.50
C ASN A 259 33.61 0.54 1.30
N GLU A 260 32.77 1.35 0.65
CA GLU A 260 32.03 2.37 1.38
CA GLU A 260 32.07 2.46 1.30
C GLU A 260 30.58 2.36 0.91
N TRP A 261 29.67 2.29 1.87
CA TRP A 261 28.21 2.35 1.57
C TRP A 261 27.66 3.71 1.89
N TYR A 262 26.82 4.23 1.02
CA TYR A 262 26.07 5.45 1.24
C TYR A 262 24.58 5.13 1.09
N SER A 263 23.80 5.68 2.01
CA SER A 263 22.34 5.50 1.99
CA SER A 263 22.36 5.54 1.87
C SER A 263 21.68 6.86 1.80
N ILE A 264 20.70 6.92 0.91
CA ILE A 264 19.87 8.10 0.70
C ILE A 264 18.40 7.64 0.88
N GLY A 265 17.47 8.54 0.53
CA GLY A 265 16.05 8.33 0.80
C GLY A 265 15.71 8.55 2.25
N GLY A 266 14.57 8.00 2.63
CA GLY A 266 13.92 8.35 3.91
C GLY A 266 14.71 7.93 5.12
N ILE A 267 15.58 6.92 4.96
CA ILE A 267 16.43 6.53 6.12
C ILE A 267 17.20 7.75 6.71
N SER A 268 17.55 8.71 5.87
CA SER A 268 18.29 9.86 6.41
CA SER A 268 18.29 9.88 6.40
C SER A 268 17.51 10.63 7.48
N TYR A 269 16.18 10.70 7.33
CA TYR A 269 15.35 11.37 8.35
C TYR A 269 15.39 10.60 9.66
N LEU A 270 15.25 9.29 9.58
CA LEU A 270 15.33 8.40 10.81
C LEU A 270 16.66 8.59 11.51
N ALA A 271 17.75 8.45 10.73
CA ALA A 271 19.10 8.47 11.32
C ALA A 271 19.44 9.80 11.90
N SER A 272 18.84 10.88 11.33
CA SER A 272 19.08 12.27 11.76
C SER A 272 18.20 12.68 12.93
N SER A 273 17.26 11.83 13.30
CA SER A 273 16.34 12.30 14.30
CA SER A 273 16.31 12.11 14.42
C SER A 273 17.05 12.44 15.68
N GLN A 274 16.47 13.28 16.51
CA GLN A 274 16.87 13.49 17.86
C GLN A 274 16.97 12.23 18.71
N LEU A 275 16.17 11.21 18.36
CA LEU A 275 16.16 9.96 19.13
C LEU A 275 17.48 9.17 19.01
N PHE A 276 18.19 9.34 17.90
CA PHE A 276 19.38 8.55 17.63
C PHE A 276 20.66 9.37 17.86
N HIS A 277 21.73 8.66 18.19
CA HIS A 277 23.03 9.27 18.38
C HIS A 277 23.99 8.52 17.48
N PHE A 278 24.34 9.14 16.36
CA PHE A 278 25.37 8.61 15.48
C PHE A 278 26.43 9.67 15.30
N GLU A 279 27.67 9.25 15.15
CA GLU A 279 28.73 10.22 14.89
C GLU A 279 29.08 10.26 13.39
N ASN A 280 29.57 11.40 12.93
CA ASN A 280 30.15 11.51 11.56
C ASN A 280 29.19 11.17 10.42
N SER A 281 27.89 11.34 10.70
CA SER A 281 26.84 11.08 9.74
C SER A 281 27.01 9.64 9.18
N GLU A 282 27.23 8.69 10.10
CA GLU A 282 27.24 7.28 9.71
C GLU A 282 26.65 6.43 10.80
N LEU A 283 25.99 5.36 10.40
CA LEU A 283 25.39 4.43 11.36
C LEU A 283 25.97 3.03 11.15
N THR A 284 25.67 2.11 12.06
CA THR A 284 25.81 0.69 11.73
C THR A 284 24.43 0.08 11.95
N ASN A 285 24.18 -1.06 11.30
CA ASN A 285 22.88 -1.68 11.47
C ASN A 285 22.67 -2.14 12.91
N GLN A 286 23.69 -2.76 13.54
CA GLN A 286 23.50 -3.15 14.94
C GLN A 286 23.16 -1.97 15.86
N SER A 287 23.88 -0.86 15.69
CA SER A 287 23.65 0.33 16.53
CA SER A 287 23.64 0.32 16.54
C SER A 287 22.24 0.94 16.26
N LEU A 288 21.83 0.97 14.99
CA LEU A 288 20.49 1.44 14.62
C LEU A 288 19.43 0.55 15.30
N LEU A 289 19.59 -0.76 15.21
CA LEU A 289 18.60 -1.68 15.82
C LEU A 289 18.54 -1.53 17.35
N GLN A 290 19.73 -1.49 18.01
CA GLN A 290 19.83 -1.35 19.46
C GLN A 290 19.20 -0.05 19.94
N GLN A 291 19.50 1.05 19.26
CA GLN A 291 18.97 2.35 19.69
C GLN A 291 17.44 2.40 19.47
N GLY A 292 16.97 1.83 18.35
CA GLY A 292 15.50 1.83 18.12
C GLY A 292 14.82 0.97 19.20
N ASP A 293 15.45 -0.16 19.51
CA ASP A 293 14.90 -1.08 20.48
C ASP A 293 14.79 -0.41 21.87
N ASN A 294 15.85 0.25 22.27
CA ASN A 294 15.87 0.83 23.61
C ASN A 294 15.05 2.10 23.72
N GLN A 295 15.09 2.96 22.68
CA GLN A 295 14.56 4.33 22.81
C GLN A 295 13.16 4.48 22.25
N ILE A 296 12.68 3.46 21.50
CA ILE A 296 11.29 3.50 21.02
C ILE A 296 10.57 2.20 21.36
N CYS A 297 11.09 1.03 20.91
CA CYS A 297 10.32 -0.23 21.09
C CYS A 297 9.94 -0.48 22.56
N HIS A 298 10.92 -0.28 23.46
CA HIS A 298 10.72 -0.58 24.86
C HIS A 298 10.27 0.59 25.73
N GLN A 299 9.73 1.62 25.11
CA GLN A 299 9.22 2.80 25.83
C GLN A 299 7.70 2.72 25.93
N GLN A 300 7.14 3.37 26.94
CA GLN A 300 5.68 3.53 27.04
CA GLN A 300 5.70 3.52 27.05
C GLN A 300 5.25 4.63 26.08
N TRP A 301 4.40 4.28 25.15
CA TRP A 301 4.11 5.19 24.05
C TRP A 301 3.60 6.57 24.46
N ASP A 302 2.60 6.66 25.35
CA ASP A 302 2.06 7.99 25.70
CA ASP A 302 2.07 7.99 25.69
C ASP A 302 3.15 8.90 26.29
N ILE A 303 3.99 8.30 27.13
CA ILE A 303 5.04 9.04 27.79
CA ILE A 303 5.09 8.97 27.80
C ILE A 303 6.08 9.53 26.77
N LEU A 304 6.50 8.64 25.86
CA LEU A 304 7.54 8.96 24.86
C LEU A 304 6.97 10.05 23.93
N ASN A 305 5.72 9.87 23.48
CA ASN A 305 5.09 10.84 22.58
C ASN A 305 5.06 12.24 23.26
N GLY A 306 4.79 12.27 24.57
CA GLY A 306 4.80 13.55 25.27
C GLY A 306 6.20 14.13 25.43
N GLN A 307 7.21 13.25 25.54
CA GLN A 307 8.60 13.73 25.64
C GLN A 307 9.07 14.37 24.30
N TYR A 308 8.60 13.85 23.16
CA TYR A 308 9.05 14.34 21.84
C TYR A 308 7.80 14.74 21.06
N PRO A 309 7.19 15.87 21.43
CA PRO A 309 5.84 16.12 20.88
C PRO A 309 5.80 16.68 19.48
N ASP A 310 6.96 16.99 18.86
CA ASP A 310 6.81 17.59 17.55
C ASP A 310 7.22 16.69 16.41
N ASP A 311 7.21 15.40 16.67
CA ASP A 311 7.69 14.44 15.73
C ASP A 311 6.59 13.50 15.28
N GLU A 312 6.04 13.72 14.08
CA GLU A 312 4.87 12.93 13.60
C GLU A 312 5.32 11.56 13.11
N TYR A 313 6.65 11.36 13.01
CA TYR A 313 7.20 10.11 12.40
C TYR A 313 7.69 9.15 13.47
N LEU A 314 7.89 9.66 14.67
CA LEU A 314 8.45 8.89 15.82
C LEU A 314 7.78 7.51 16.06
N TYR A 315 6.43 7.46 15.91
CA TYR A 315 5.69 6.25 16.28
C TYR A 315 6.17 5.05 15.44
N GLN A 316 6.76 5.31 14.27
CA GLN A 316 7.13 4.22 13.37
C GLN A 316 8.60 3.83 13.50
N TYR A 317 9.32 4.45 14.47
CA TYR A 317 10.82 4.21 14.52
C TYR A 317 11.21 2.83 15.00
N CYS A 318 10.35 2.17 15.82
CA CYS A 318 10.66 0.78 16.22
C CYS A 318 10.60 -0.11 14.95
N LEU A 319 9.53 0.06 14.17
CA LEU A 319 9.39 -0.71 12.91
C LEU A 319 10.52 -0.39 11.94
N LEU A 320 10.78 0.92 11.75
CA LEU A 320 11.75 1.27 10.71
C LEU A 320 13.18 0.79 11.05
N SER A 321 13.58 0.93 12.33
CA SER A 321 14.94 0.47 12.66
CA SER A 321 14.92 0.42 12.75
C SER A 321 15.06 -1.06 12.45
N SER A 322 13.99 -1.79 12.79
CA SER A 322 13.93 -3.23 12.59
C SER A 322 13.98 -3.58 11.11
N TYR A 323 13.19 -2.83 10.30
CA TYR A 323 13.11 -3.06 8.83
C TYR A 323 14.46 -2.81 8.18
N TYR A 324 15.12 -1.70 8.57
CA TYR A 324 16.38 -1.42 7.86
C TYR A 324 17.42 -2.50 8.15
N TYR A 325 17.48 -2.98 9.38
CA TYR A 325 18.37 -4.12 9.72
C TYR A 325 17.98 -5.36 8.88
N ALA A 326 16.67 -5.66 8.84
CA ALA A 326 16.21 -6.79 8.03
C ALA A 326 16.65 -6.66 6.60
N LEU A 327 16.45 -5.50 6.00
CA LEU A 327 16.80 -5.30 4.59
C LEU A 327 18.32 -5.37 4.34
N MET A 328 19.09 -4.60 5.14
CA MET A 328 20.52 -4.49 4.84
C MET A 328 21.31 -5.72 5.29
N VAL A 329 20.99 -6.20 6.49
CA VAL A 329 21.73 -7.34 7.06
C VAL A 329 21.15 -8.65 6.56
N ASP A 330 19.89 -8.93 6.86
CA ASP A 330 19.36 -10.26 6.44
C ASP A 330 19.12 -10.34 4.92
N GLY A 331 18.76 -9.23 4.29
CA GLY A 331 18.54 -9.22 2.81
C GLY A 331 19.88 -9.11 2.08
N TYR A 332 20.51 -7.93 2.19
CA TYR A 332 21.71 -7.71 1.37
C TYR A 332 22.97 -8.44 1.84
N GLY A 333 22.99 -8.85 3.12
CA GLY A 333 24.13 -9.57 3.70
C GLY A 333 25.17 -8.63 4.23
N ILE A 334 24.85 -7.35 4.44
CA ILE A 334 25.84 -6.40 4.95
C ILE A 334 26.14 -6.78 6.40
N ASN A 335 27.41 -6.69 6.79
CA ASN A 335 27.80 -6.97 8.16
C ASN A 335 27.09 -5.99 9.11
N PRO A 336 26.54 -6.48 10.25
CA PRO A 336 25.77 -5.57 11.13
C PRO A 336 26.65 -4.46 11.73
N ASN A 337 27.99 -4.60 11.64
CA ASN A 337 28.88 -3.58 12.21
C ASN A 337 29.55 -2.72 11.15
N GLN A 338 29.19 -2.95 9.88
CA GLN A 338 29.76 -2.18 8.80
C GLN A 338 29.13 -0.75 8.81
N THR A 339 29.99 0.26 8.67
CA THR A 339 29.58 1.70 8.58
C THR A 339 28.70 1.92 7.34
N ILE A 340 27.59 2.62 7.52
CA ILE A 340 26.73 3.06 6.39
C ILE A 340 26.66 4.58 6.57
N HIS A 341 27.15 5.33 5.58
CA HIS A 341 27.08 6.79 5.62
C HIS A 341 25.66 7.15 5.21
N TYR A 342 25.13 8.20 5.84
CA TYR A 342 23.89 8.82 5.37
C TYR A 342 24.13 10.30 5.14
N ILE A 343 23.33 10.90 4.26
CA ILE A 343 23.52 12.30 3.89
C ILE A 343 22.47 13.13 4.61
N PRO A 344 22.88 14.23 5.30
CA PRO A 344 21.90 15.09 5.96
C PRO A 344 20.74 15.44 5.01
N PRO A 345 19.51 15.31 5.50
CA PRO A 345 18.36 15.64 4.68
C PRO A 345 18.36 17.05 4.12
N GLU A 346 18.94 18.04 4.83
CA GLU A 346 18.95 19.45 4.33
C GLU A 346 19.70 19.60 3.03
N GLN A 347 20.55 18.62 2.68
CA GLN A 347 21.32 18.69 1.45
C GLN A 347 20.48 18.34 0.22
N ASN A 348 19.24 17.83 0.44
CA ASN A 348 18.34 17.51 -0.65
C ASN A 348 18.94 16.60 -1.68
N LEU A 349 19.70 15.60 -1.22
CA LEU A 349 20.39 14.70 -2.13
C LEU A 349 19.45 13.50 -2.41
N ASP A 350 18.71 13.61 -3.52
CA ASP A 350 18.01 12.48 -4.08
C ASP A 350 18.75 12.10 -5.38
N TRP A 351 18.09 11.37 -6.25
CA TRP A 351 18.73 10.94 -7.50
C TRP A 351 18.74 11.95 -8.63
N THR A 352 18.12 13.11 -8.41
CA THR A 352 17.87 14.05 -9.53
C THR A 352 19.19 14.59 -10.17
N ILE A 353 20.29 14.75 -9.42
CA ILE A 353 21.56 15.18 -10.04
C ILE A 353 21.96 14.14 -11.09
N GLY A 354 21.63 12.85 -10.86
CA GLY A 354 21.95 11.82 -11.87
C GLY A 354 21.31 12.11 -13.21
N VAL A 355 20.12 12.72 -13.24
CA VAL A 355 19.48 13.09 -14.52
C VAL A 355 20.31 14.18 -15.23
N VAL A 356 20.75 15.18 -14.46
CA VAL A 356 21.51 16.32 -15.02
C VAL A 356 22.73 15.71 -15.73
N LEU A 357 23.40 14.74 -15.09
CA LEU A 357 24.64 14.17 -15.65
C LEU A 357 24.36 13.25 -16.82
N HIS A 358 23.36 12.38 -16.67
CA HIS A 358 23.25 11.27 -17.60
C HIS A 358 22.71 11.69 -18.94
N ARG A 359 21.86 12.73 -18.97
CA ARG A 359 21.29 13.10 -20.28
CA ARG A 359 21.28 13.25 -20.22
C ARG A 359 22.39 13.68 -21.21
N ALA A 360 23.59 13.97 -20.65
CA ALA A 360 24.68 14.57 -21.47
C ALA A 360 25.70 13.55 -21.92
N LEU A 361 25.54 12.28 -21.46
CA LEU A 361 26.49 11.17 -21.82
C LEU A 361 26.35 10.45 -23.17
N THR B 3 -43.12 8.25 -2.79
CA THR B 3 -43.36 8.13 -1.31
C THR B 3 -42.06 8.22 -0.56
N ASN B 4 -42.09 8.76 0.65
CA ASN B 4 -40.95 8.63 1.50
C ASN B 4 -41.26 7.59 2.62
N PRO B 5 -40.63 6.38 2.55
CA PRO B 5 -40.84 5.33 3.56
C PRO B 5 -40.42 5.79 4.95
N CYS B 6 -39.55 6.77 5.00
CA CYS B 6 -39.00 7.22 6.26
C CYS B 6 -39.99 8.01 7.09
N GLU B 7 -41.13 8.38 6.49
CA GLU B 7 -42.16 9.02 7.33
C GLU B 7 -42.93 8.00 8.17
N LYS B 8 -42.85 6.73 7.82
CA LYS B 8 -43.61 5.68 8.53
C LYS B 8 -42.74 4.58 9.15
N HIS B 9 -41.44 4.60 8.84
CA HIS B 9 -40.50 3.59 9.30
C HIS B 9 -39.22 4.34 9.69
N SER B 10 -38.48 3.79 10.62
CA SER B 10 -37.15 4.36 10.96
C SER B 10 -36.20 4.24 9.81
N CYS B 11 -35.41 5.29 9.58
CA CYS B 11 -34.38 5.22 8.54
C CYS B 11 -33.07 5.70 9.06
N ILE B 12 -32.00 5.04 8.68
CA ILE B 12 -30.67 5.59 8.88
C ILE B 12 -29.83 5.40 7.62
N ALA B 13 -28.78 6.18 7.56
CA ALA B 13 -27.80 6.08 6.48
C ALA B 13 -26.54 5.44 7.08
N VAL B 14 -25.99 4.46 6.35
CA VAL B 14 -24.72 3.87 6.76
C VAL B 14 -23.80 3.95 5.59
N ILE B 15 -22.61 4.49 5.82
CA ILE B 15 -21.61 4.60 4.71
C ILE B 15 -20.46 3.62 5.03
N ASP B 16 -20.23 2.72 4.09
CA ASP B 16 -19.06 1.81 4.11
C ASP B 16 -17.93 2.62 3.44
N ALA B 17 -17.00 3.21 4.21
CA ALA B 17 -15.87 3.94 3.61
C ALA B 17 -14.72 2.94 3.47
N GLY B 18 -14.77 2.15 2.39
CA GLY B 18 -13.83 1.08 2.17
C GLY B 18 -12.56 1.55 1.45
N SER B 19 -11.59 0.67 1.35
CA SER B 19 -10.30 1.06 0.78
C SER B 19 -10.41 1.46 -0.69
N THR B 20 -11.35 0.87 -1.44
CA THR B 20 -11.39 1.16 -2.88
C THR B 20 -12.51 2.14 -3.22
N GLY B 21 -13.38 2.47 -2.26
CA GLY B 21 -14.52 3.36 -2.60
C GLY B 21 -15.45 3.46 -1.41
N SER B 22 -16.40 4.40 -1.51
CA SER B 22 -17.40 4.55 -0.45
C SER B 22 -18.77 4.21 -0.96
N ARG B 23 -19.59 3.57 -0.10
CA ARG B 23 -20.97 3.15 -0.48
C ARG B 23 -21.91 3.74 0.55
N LEU B 24 -22.78 4.65 0.12
CA LEU B 24 -23.89 5.11 0.96
C LEU B 24 -25.04 4.15 0.83
N HIS B 25 -25.57 3.71 1.97
CA HIS B 25 -26.84 2.98 1.96
C HIS B 25 -27.82 3.69 2.82
N ILE B 26 -29.07 3.86 2.35
CA ILE B 26 -30.15 4.31 3.28
C ILE B 26 -31.04 3.09 3.51
N TYR B 27 -31.20 2.72 4.80
CA TYR B 27 -32.05 1.61 5.20
C TYR B 27 -33.27 2.08 5.92
N SER B 28 -34.42 1.53 5.51
CA SER B 28 -35.68 1.64 6.35
C SER B 28 -35.83 0.35 7.13
N TYR B 29 -36.49 0.41 8.27
CA TYR B 29 -36.72 -0.78 9.06
C TYR B 29 -37.75 -0.48 10.15
N ASP B 30 -38.25 -1.57 10.74
CA ASP B 30 -39.12 -1.51 11.91
C ASP B 30 -38.36 -2.21 13.04
N THR B 31 -38.95 -2.26 14.24
CA THR B 31 -38.29 -2.95 15.35
CA THR B 31 -38.28 -2.87 15.39
C THR B 31 -39.28 -3.86 16.02
N ASP B 32 -38.78 -5.03 16.41
CA ASP B 32 -39.64 -6.04 17.02
C ASP B 32 -39.68 -5.86 18.55
N ASP B 33 -40.28 -6.81 19.26
CA ASP B 33 -40.42 -6.81 20.72
CA ASP B 33 -40.39 -6.79 20.72
C ASP B 33 -39.13 -7.19 21.49
N THR B 34 -38.05 -7.56 20.77
CA THR B 34 -36.76 -7.86 21.44
C THR B 34 -35.92 -6.61 21.26
N ASN B 35 -36.56 -5.58 20.71
CA ASN B 35 -35.91 -4.35 20.35
C ASN B 35 -34.85 -4.46 19.20
N THR B 36 -35.04 -5.42 18.33
CA THR B 36 -34.13 -5.68 17.24
C THR B 36 -34.78 -5.18 15.92
N PRO B 37 -34.00 -4.52 15.05
CA PRO B 37 -34.57 -4.18 13.74
C PRO B 37 -35.04 -5.43 12.96
N ILE B 38 -36.14 -5.24 12.22
CA ILE B 38 -36.73 -6.22 11.30
C ILE B 38 -37.14 -5.46 10.01
N HIS B 39 -37.47 -6.18 8.94
CA HIS B 39 -37.95 -5.58 7.71
C HIS B 39 -36.94 -4.58 7.18
N ILE B 40 -35.64 -4.91 7.31
CA ILE B 40 -34.59 -3.97 6.88
C ILE B 40 -34.58 -3.94 5.33
N GLU B 41 -34.76 -2.78 4.74
CA GLU B 41 -34.81 -2.65 3.28
C GLU B 41 -33.84 -1.55 2.90
N GLU B 42 -33.05 -1.81 1.89
CA GLU B 42 -32.21 -0.74 1.31
C GLU B 42 -33.06 0.08 0.34
N ILE B 43 -33.26 1.37 0.66
CA ILE B 43 -34.06 2.27 -0.17
C ILE B 43 -33.22 3.14 -1.09
N TRP B 44 -31.91 3.19 -0.84
CA TRP B 44 -31.04 3.97 -1.70
C TRP B 44 -29.62 3.42 -1.54
N ASN B 45 -28.89 3.38 -2.63
CA ASN B 45 -27.47 3.03 -2.63
C ASN B 45 -26.77 3.99 -3.59
N LYS B 46 -25.63 4.52 -3.19
CA LYS B 46 -24.72 5.18 -4.14
C LYS B 46 -23.29 4.77 -3.81
N LYS B 47 -22.54 4.41 -4.84
CA LYS B 47 -21.14 3.94 -4.71
C LYS B 47 -20.25 4.85 -5.51
N ILE B 48 -19.17 5.36 -4.88
CA ILE B 48 -18.20 6.21 -5.57
C ILE B 48 -16.80 5.68 -5.32
N LYS B 49 -15.89 6.10 -6.18
CA LYS B 49 -14.51 5.80 -6.06
C LYS B 49 -13.76 7.14 -6.13
N PRO B 50 -12.51 7.14 -5.68
CA PRO B 50 -11.75 6.04 -5.09
C PRO B 50 -12.06 6.00 -3.57
N GLY B 51 -11.25 5.30 -2.78
CA GLY B 51 -11.43 5.22 -1.33
C GLY B 51 -11.19 6.60 -0.70
N PHE B 52 -11.94 6.84 0.40
CA PHE B 52 -11.87 8.12 1.15
C PHE B 52 -10.44 8.35 1.64
N ALA B 53 -9.76 7.27 2.11
CA ALA B 53 -8.41 7.44 2.68
C ALA B 53 -7.39 7.67 1.59
N SER B 54 -7.78 7.60 0.32
CA SER B 54 -6.84 7.75 -0.82
CA SER B 54 -6.77 7.76 -0.75
C SER B 54 -6.68 9.19 -1.25
N ILE B 55 -7.68 10.00 -0.89
CA ILE B 55 -7.81 11.37 -1.47
C ILE B 55 -7.10 12.41 -0.60
N GLN B 56 -6.73 13.56 -1.18
CA GLN B 56 -6.07 14.61 -0.37
C GLN B 56 -7.03 15.09 0.71
N PRO B 57 -6.61 15.08 2.00
CA PRO B 57 -7.48 15.57 3.08
C PRO B 57 -7.51 17.10 3.19
N ASN B 58 -7.92 17.76 2.12
CA ASN B 58 -8.20 19.21 2.17
C ASN B 58 -9.68 19.52 1.95
N SER B 59 -10.09 20.75 2.24
CA SER B 59 -11.50 21.12 2.26
C SER B 59 -12.10 20.96 0.89
N VAL B 60 -11.38 21.37 -0.14
CA VAL B 60 -12.00 21.37 -1.47
C VAL B 60 -12.20 19.91 -1.94
N THR B 61 -11.22 19.06 -1.65
CA THR B 61 -11.26 17.68 -2.08
C THR B 61 -12.31 16.91 -1.31
N ILE B 62 -12.35 17.09 0.01
CA ILE B 62 -13.34 16.39 0.83
C ILE B 62 -14.77 16.86 0.48
N ASP B 63 -14.94 18.17 0.27
CA ASP B 63 -16.26 18.65 -0.15
C ASP B 63 -16.69 18.01 -1.47
N ALA B 64 -15.82 17.94 -2.47
CA ALA B 64 -16.26 17.37 -3.75
C ALA B 64 -16.62 15.92 -3.55
N TYR B 65 -15.86 15.23 -2.73
CA TYR B 65 -16.13 13.81 -2.54
C TYR B 65 -17.47 13.56 -1.80
N LEU B 66 -17.64 14.25 -0.66
CA LEU B 66 -18.87 14.05 0.12
C LEU B 66 -20.11 14.55 -0.69
N THR B 67 -19.97 15.65 -1.42
CA THR B 67 -21.03 16.08 -2.33
C THR B 67 -21.38 14.99 -3.32
N MET B 68 -20.37 14.38 -3.97
CA MET B 68 -20.60 13.33 -4.93
CA MET B 68 -20.61 13.33 -4.94
C MET B 68 -21.32 12.14 -4.28
N LEU B 69 -20.92 11.81 -3.04
CA LEU B 69 -21.48 10.68 -2.35
C LEU B 69 -22.93 10.88 -1.91
N LEU B 70 -23.26 12.10 -1.46
CA LEU B 70 -24.52 12.37 -0.71
C LEU B 70 -25.54 13.23 -1.39
N ALA B 71 -25.10 14.17 -2.25
CA ALA B 71 -26.00 15.25 -2.65
C ALA B 71 -27.29 14.74 -3.27
N ASP B 72 -27.16 13.76 -4.18
CA ASP B 72 -28.35 13.34 -4.89
C ASP B 72 -29.24 12.28 -4.13
N ALA B 73 -28.95 12.00 -2.83
CA ALA B 73 -29.76 11.04 -2.08
C ALA B 73 -31.19 11.60 -1.97
N PRO B 74 -32.21 10.72 -2.06
CA PRO B 74 -33.60 11.19 -2.08
C PRO B 74 -34.11 11.69 -0.70
N ILE B 75 -33.42 11.32 0.37
CA ILE B 75 -33.78 11.87 1.69
C ILE B 75 -32.46 12.17 2.42
N HIS B 76 -32.36 13.36 3.06
CA HIS B 76 -31.12 13.77 3.76
C HIS B 76 -31.30 14.01 5.25
N ASN B 77 -32.55 14.16 5.72
CA ASN B 77 -32.77 14.56 7.13
C ASN B 77 -32.86 13.33 8.07
N ILE B 78 -31.79 12.58 8.06
CA ILE B 78 -31.72 11.31 8.78
C ILE B 78 -30.33 11.16 9.40
N PRO B 79 -30.21 10.22 10.35
CA PRO B 79 -28.93 9.98 11.01
C PRO B 79 -27.96 9.24 10.06
N VAL B 80 -26.65 9.58 10.17
CA VAL B 80 -25.63 9.05 9.31
C VAL B 80 -24.52 8.45 10.13
N TYR B 81 -24.19 7.21 9.81
CA TYR B 81 -23.05 6.52 10.39
C TYR B 81 -21.97 6.38 9.31
N PHE B 82 -20.82 7.02 9.49
CA PHE B 82 -19.71 6.94 8.54
C PHE B 82 -18.64 6.05 9.13
N TYR B 83 -18.48 4.83 8.62
CA TYR B 83 -17.54 3.92 9.24
C TYR B 83 -16.51 3.53 8.17
N ALA B 84 -15.27 3.88 8.43
CA ALA B 84 -14.17 3.49 7.51
C ALA B 84 -13.50 2.20 7.95
N THR B 85 -12.98 1.48 6.98
CA THR B 85 -12.34 0.21 7.19
C THR B 85 -10.84 0.29 6.86
N ALA B 86 -10.27 -0.76 6.22
CA ALA B 86 -8.83 -0.94 6.24
C ALA B 86 -8.06 0.13 5.47
N GLY B 87 -8.70 0.82 4.49
CA GLY B 87 -7.99 1.90 3.77
C GLY B 87 -7.52 2.96 4.81
N MET B 88 -8.40 3.30 5.75
CA MET B 88 -8.08 4.29 6.78
C MET B 88 -7.13 3.68 7.84
N ARG B 89 -7.29 2.37 8.17
CA ARG B 89 -6.42 1.70 9.16
C ARG B 89 -4.96 1.65 8.68
N LEU B 90 -4.71 1.83 7.38
CA LEU B 90 -3.30 1.88 6.86
C LEU B 90 -2.64 3.18 7.21
N LEU B 91 -3.41 4.21 7.65
CA LEU B 91 -2.82 5.51 7.88
C LEU B 91 -2.54 5.76 9.35
N PRO B 92 -1.44 6.50 9.63
CA PRO B 92 -1.20 6.89 11.00
C PRO B 92 -2.43 7.61 11.59
N GLN B 93 -2.68 7.46 12.87
CA GLN B 93 -3.82 8.10 13.54
C GLN B 93 -3.79 9.64 13.31
N SER B 94 -2.59 10.26 13.33
CA SER B 94 -2.49 11.70 13.10
C SER B 94 -3.00 12.08 11.71
N GLN B 95 -2.84 11.20 10.74
CA GLN B 95 -3.30 11.48 9.38
C GLN B 95 -4.81 11.26 9.27
N GLN B 96 -5.30 10.16 9.86
CA GLN B 96 -6.74 9.90 9.91
C GLN B 96 -7.45 11.12 10.55
N LYS B 97 -6.89 11.71 11.61
CA LYS B 97 -7.57 12.82 12.29
C LYS B 97 -7.83 13.96 11.31
N LYS B 98 -6.89 14.20 10.38
CA LYS B 98 -7.10 15.29 9.39
C LYS B 98 -8.37 15.03 8.55
N TYR B 99 -8.55 13.78 8.13
CA TYR B 99 -9.74 13.42 7.38
C TYR B 99 -11.02 13.63 8.21
N TYR B 100 -11.03 13.16 9.47
CA TYR B 100 -12.24 13.28 10.27
C TYR B 100 -12.53 14.71 10.67
N ASP B 101 -11.50 15.52 10.92
CA ASP B 101 -11.77 16.96 11.19
C ASP B 101 -12.41 17.63 9.96
N GLU B 102 -11.91 17.30 8.76
CA GLU B 102 -12.50 17.91 7.56
C GLU B 102 -13.94 17.41 7.34
N LEU B 103 -14.15 16.12 7.54
CA LEU B 103 -15.46 15.50 7.40
C LEU B 103 -16.43 16.10 8.42
N ASP B 104 -15.97 16.29 9.68
CA ASP B 104 -16.85 16.92 10.69
C ASP B 104 -17.25 18.36 10.27
N TYR B 105 -16.27 19.10 9.75
CA TYR B 105 -16.48 20.47 9.28
C TYR B 105 -17.54 20.47 8.16
N TRP B 106 -17.36 19.56 7.21
CA TRP B 106 -18.29 19.48 6.07
C TRP B 106 -19.75 19.29 6.54
N PHE B 107 -19.96 18.35 7.46
CA PHE B 107 -21.31 18.06 7.94
C PHE B 107 -21.85 19.27 8.71
N ARG B 108 -20.97 20.04 9.38
CA ARG B 108 -21.40 21.25 10.08
C ARG B 108 -21.87 22.38 9.15
N GLN B 109 -21.44 22.35 7.88
CA GLN B 109 -21.79 23.41 6.92
C GLN B 109 -23.17 23.16 6.25
N GLN B 110 -23.88 22.11 6.66
CA GLN B 110 -25.22 21.85 6.15
C GLN B 110 -26.14 21.46 7.33
N SER B 111 -27.45 21.34 7.10
CA SER B 111 -28.41 21.30 8.21
C SER B 111 -29.20 20.04 8.23
N GLN B 112 -29.02 19.19 7.20
CA GLN B 112 -29.97 18.08 7.01
C GLN B 112 -29.41 16.79 7.56
N TRP B 113 -28.33 16.27 6.93
CA TRP B 113 -27.75 15.01 7.44
C TRP B 113 -27.32 15.20 8.89
N GLN B 114 -27.66 14.27 9.75
CA GLN B 114 -27.30 14.32 11.21
C GLN B 114 -26.21 13.27 11.41
N LEU B 115 -24.93 13.71 11.45
CA LEU B 115 -23.83 12.76 11.54
C LEU B 115 -23.80 12.25 12.98
N VAL B 116 -24.05 10.96 13.15
CA VAL B 116 -24.07 10.29 14.48
C VAL B 116 -22.62 9.98 14.89
N GLU B 117 -21.89 9.32 13.98
CA GLU B 117 -20.49 8.91 14.25
C GLU B 117 -19.74 8.95 12.93
N ALA B 118 -18.48 9.38 12.94
CA ALA B 118 -17.58 9.10 11.85
C ALA B 118 -16.28 8.62 12.40
N LYS B 119 -15.93 7.37 12.09
CA LYS B 119 -14.72 6.80 12.66
C LYS B 119 -14.27 5.60 11.93
N THR B 120 -13.02 5.26 12.23
CA THR B 120 -12.46 4.04 11.70
C THR B 120 -12.83 2.88 12.63
N ILE B 121 -13.44 1.81 12.09
CA ILE B 121 -13.80 0.67 12.92
C ILE B 121 -12.66 -0.35 12.87
N THR B 122 -12.53 -1.19 13.89
CA THR B 122 -11.47 -2.21 13.81
C THR B 122 -11.87 -3.30 12.83
N GLY B 123 -10.89 -4.07 12.36
CA GLY B 123 -11.22 -5.24 11.52
C GLY B 123 -12.10 -6.26 12.28
N ASN B 124 -12.02 -6.32 13.62
CA ASN B 124 -12.85 -7.29 14.39
C ASN B 124 -14.30 -6.81 14.39
N ASP B 125 -14.54 -5.49 14.55
CA ASP B 125 -15.89 -4.91 14.42
C ASP B 125 -16.44 -5.17 13.02
N GLU B 126 -15.63 -4.93 11.99
CA GLU B 126 -16.02 -5.14 10.59
C GLU B 126 -16.40 -6.60 10.39
N ALA B 127 -15.62 -7.53 11.00
CA ALA B 127 -15.90 -9.02 10.86
C ALA B 127 -17.26 -9.33 11.48
N LEU B 128 -17.55 -8.76 12.66
CA LEU B 128 -18.86 -8.99 13.30
C LEU B 128 -19.96 -8.51 12.35
N PHE B 129 -19.82 -7.30 11.82
CA PHE B 129 -20.85 -6.75 10.91
C PHE B 129 -20.94 -7.61 9.63
N ASP B 130 -19.80 -8.09 9.15
CA ASP B 130 -19.80 -9.02 7.99
C ASP B 130 -20.74 -10.22 8.28
N TRP B 131 -20.53 -10.88 9.46
CA TRP B 131 -21.31 -12.06 9.82
C TRP B 131 -22.80 -11.69 9.98
N LEU B 132 -23.09 -10.57 10.66
CA LEU B 132 -24.50 -10.19 10.86
C LEU B 132 -25.19 -9.95 9.51
N ALA B 133 -24.49 -9.24 8.58
CA ALA B 133 -25.11 -8.85 7.31
C ALA B 133 -25.50 -10.11 6.51
N VAL B 134 -24.57 -11.09 6.42
CA VAL B 134 -24.84 -12.29 5.63
C VAL B 134 -25.98 -13.07 6.30
N ASN B 135 -25.90 -13.22 7.63
CA ASN B 135 -26.92 -14.02 8.34
C ASN B 135 -28.29 -13.36 8.32
N TYR B 136 -28.34 -12.02 8.33
CA TYR B 136 -29.64 -11.39 8.12
C TYR B 136 -30.23 -11.79 6.76
N LYS B 137 -29.44 -11.72 5.69
CA LYS B 137 -29.93 -12.09 4.35
C LYS B 137 -30.35 -13.55 4.27
N LEU B 138 -29.59 -14.44 4.94
CA LEU B 138 -29.95 -15.88 5.06
C LEU B 138 -31.17 -16.17 5.97
N ASP B 139 -31.58 -15.16 6.75
CA ASP B 139 -32.69 -15.28 7.72
C ASP B 139 -32.37 -16.32 8.84
N THR B 140 -31.11 -16.33 9.28
CA THR B 140 -30.63 -17.29 10.29
C THR B 140 -30.43 -16.66 11.65
N LEU B 141 -30.89 -15.41 11.82
CA LEU B 141 -30.66 -14.69 13.09
C LEU B 141 -31.83 -14.85 14.09
N LYS B 142 -33.06 -15.00 13.61
CA LYS B 142 -34.21 -14.94 14.51
C LYS B 142 -34.31 -16.21 15.34
N SER B 143 -33.76 -17.33 14.82
CA SER B 143 -33.89 -18.63 15.49
C SER B 143 -32.51 -19.30 15.72
N VAL B 144 -32.38 -20.09 16.77
CA VAL B 144 -31.14 -20.79 17.04
C VAL B 144 -30.84 -21.79 15.90
N GLN B 145 -29.63 -21.68 15.31
CA GLN B 145 -29.23 -22.52 14.15
C GLN B 145 -28.51 -23.77 14.61
N ASN B 146 -28.79 -24.88 13.96
CA ASN B 146 -28.09 -26.13 14.16
C ASN B 146 -26.78 -26.26 13.39
N LYS B 147 -26.62 -25.45 12.35
CA LYS B 147 -25.51 -25.57 11.42
C LYS B 147 -24.65 -24.34 11.65
N SER B 148 -23.36 -24.45 11.29
CA SER B 148 -22.38 -23.38 11.47
C SER B 148 -22.18 -22.62 10.14
N VAL B 149 -22.49 -21.30 10.14
CA VAL B 149 -22.31 -20.43 8.97
C VAL B 149 -21.03 -19.61 9.18
N GLY B 150 -20.10 -19.77 8.23
CA GLY B 150 -18.80 -18.99 8.22
C GLY B 150 -18.89 -17.91 7.15
N VAL B 151 -18.33 -16.73 7.43
CA VAL B 151 -18.31 -15.65 6.47
C VAL B 151 -16.88 -15.20 6.24
N MET B 152 -16.56 -14.93 4.97
CA MET B 152 -15.29 -14.28 4.62
C MET B 152 -15.62 -12.99 3.88
N ASP B 153 -14.90 -11.92 4.17
CA ASP B 153 -15.06 -10.64 3.42
C ASP B 153 -13.71 -10.37 2.80
N MET B 154 -13.70 -10.44 1.47
CA MET B 154 -12.45 -10.31 0.66
C MET B 154 -12.28 -8.87 0.22
N GLY B 155 -11.76 -8.02 1.10
CA GLY B 155 -11.62 -6.59 0.77
C GLY B 155 -10.32 -6.21 0.06
N GLY B 156 -10.17 -4.92 -0.23
CA GLY B 156 -8.98 -4.37 -0.91
C GLY B 156 -7.78 -4.24 -0.01
N ALA B 157 -8.01 -3.93 1.29
CA ALA B 157 -6.88 -3.66 2.21
C ALA B 157 -6.80 -4.66 3.35
N SER B 158 -7.95 -5.22 3.76
CA SER B 158 -7.91 -6.32 4.73
C SER B 158 -8.89 -7.40 4.33
N VAL B 159 -8.74 -8.59 4.89
CA VAL B 159 -9.76 -9.67 4.70
C VAL B 159 -10.21 -10.06 6.09
N GLN B 160 -11.50 -10.42 6.20
CA GLN B 160 -12.09 -10.91 7.48
C GLN B 160 -12.53 -12.36 7.35
N ILE B 161 -12.40 -13.11 8.46
CA ILE B 161 -12.98 -14.43 8.57
C ILE B 161 -13.70 -14.47 9.91
N VAL B 162 -14.88 -15.06 9.93
CA VAL B 162 -15.69 -15.04 11.14
C VAL B 162 -16.56 -16.31 11.16
N PHE B 163 -16.62 -17.00 12.32
CA PHE B 163 -17.40 -18.22 12.39
C PHE B 163 -17.75 -18.52 13.83
N PRO B 164 -18.81 -19.32 14.04
CA PRO B 164 -19.16 -19.59 15.43
C PRO B 164 -18.06 -20.35 16.20
N MET B 165 -17.85 -20.00 17.48
CA MET B 165 -16.84 -20.69 18.28
C MET B 165 -17.18 -20.38 19.72
N PRO B 166 -17.29 -21.42 20.56
CA PRO B 166 -17.49 -21.13 21.95
C PRO B 166 -16.37 -20.33 22.59
N LYS B 167 -16.69 -19.59 23.65
CA LYS B 167 -15.62 -18.88 24.37
C LYS B 167 -14.39 -19.76 24.67
N ASN B 168 -13.20 -19.20 24.42
CA ASN B 168 -11.95 -19.92 24.64
C ASN B 168 -10.96 -19.03 25.37
N ALA B 169 -10.64 -19.44 26.61
CA ALA B 169 -9.83 -18.65 27.51
C ALA B 169 -8.35 -18.52 27.05
N GLU B 170 -7.95 -19.39 26.11
CA GLU B 170 -6.61 -19.45 25.55
C GLU B 170 -6.43 -18.45 24.42
N ILE B 171 -7.53 -17.84 23.94
CA ILE B 171 -7.52 -16.94 22.76
C ILE B 171 -7.81 -15.53 23.18
N SER B 172 -7.13 -14.56 22.55
CA SER B 172 -7.33 -13.13 22.83
C SER B 172 -8.81 -12.76 22.87
N LYS B 173 -9.18 -11.92 23.86
CA LYS B 173 -10.56 -11.42 23.97
C LYS B 173 -10.89 -10.65 22.69
N HIS B 174 -9.86 -10.10 22.03
CA HIS B 174 -10.09 -9.26 20.85
C HIS B 174 -10.64 -10.10 19.70
N ASN B 175 -10.37 -11.42 19.68
CA ASN B 175 -10.80 -12.24 18.55
C ASN B 175 -12.11 -12.99 18.85
N GLN B 176 -12.81 -12.63 19.94
CA GLN B 176 -14.04 -13.35 20.30
C GLN B 176 -15.12 -12.33 20.57
N VAL B 177 -16.32 -12.59 20.07
N VAL B 177 -16.31 -12.57 20.03
CA VAL B 177 -17.41 -11.68 20.37
CA VAL B 177 -17.43 -11.68 20.31
C VAL B 177 -18.61 -12.50 20.82
C VAL B 177 -18.60 -12.51 20.83
N GLU B 178 -19.30 -11.99 21.84
CA GLU B 178 -20.57 -12.60 22.28
C GLU B 178 -21.67 -11.69 21.78
N LEU B 179 -22.52 -12.26 20.96
CA LEU B 179 -23.51 -11.47 20.25
C LEU B 179 -24.88 -11.86 20.82
N ASN B 180 -25.60 -10.88 21.32
CA ASN B 180 -27.00 -11.06 21.70
C ASN B 180 -27.90 -10.41 20.63
N ILE B 181 -28.70 -11.22 19.95
CA ILE B 181 -29.58 -10.65 18.94
C ILE B 181 -30.88 -11.49 18.85
N TYR B 182 -32.01 -10.82 18.68
CA TYR B 182 -33.34 -11.51 18.68
C TYR B 182 -33.49 -12.44 19.87
N GLY B 183 -32.91 -12.04 21.00
CA GLY B 183 -32.98 -12.87 22.20
C GLY B 183 -32.12 -14.13 22.22
N GLN B 184 -31.23 -14.32 21.23
CA GLN B 184 -30.26 -15.45 21.34
C GLN B 184 -28.85 -14.95 21.49
N ASN B 185 -28.06 -15.76 22.18
CA ASN B 185 -26.66 -15.55 22.43
CA ASN B 185 -26.65 -15.48 22.36
C ASN B 185 -25.84 -16.33 21.41
N ILE B 186 -24.95 -15.67 20.66
CA ILE B 186 -24.10 -16.32 19.65
C ILE B 186 -22.65 -15.94 19.96
N ASN B 187 -21.80 -16.94 20.05
CA ASN B 187 -20.39 -16.70 20.23
C ASN B 187 -19.63 -16.88 18.93
N LEU B 188 -18.77 -15.92 18.60
CA LEU B 188 -18.08 -15.92 17.31
C LEU B 188 -16.62 -15.68 17.47
N TYR B 189 -15.87 -16.39 16.65
CA TYR B 189 -14.47 -16.04 16.48
C TYR B 189 -14.40 -15.04 15.33
N VAL B 190 -13.61 -13.99 15.50
CA VAL B 190 -13.40 -12.96 14.43
C VAL B 190 -11.92 -12.72 14.22
N HIS B 191 -11.49 -12.52 12.96
CA HIS B 191 -10.17 -12.09 12.74
C HIS B 191 -10.12 -11.31 11.46
N SER B 192 -9.26 -10.28 11.41
CA SER B 192 -9.07 -9.47 10.20
C SER B 192 -7.57 -9.46 9.94
N PHE B 193 -7.18 -9.55 8.68
CA PHE B 193 -5.73 -9.53 8.34
C PHE B 193 -5.44 -8.30 7.53
N LEU B 194 -4.88 -7.30 8.20
CA LEU B 194 -4.57 -6.05 7.56
C LEU B 194 -3.35 -6.18 6.64
N GLY B 195 -3.48 -5.69 5.42
CA GLY B 195 -2.42 -5.83 4.43
C GLY B 195 -2.62 -7.03 3.53
N LEU B 196 -3.56 -7.94 3.88
CA LEU B 196 -3.85 -9.10 3.04
C LEU B 196 -5.03 -8.88 2.09
N GLY B 197 -5.66 -7.69 2.15
CA GLY B 197 -6.64 -7.36 1.09
C GLY B 197 -5.97 -7.30 -0.27
N GLN B 198 -6.77 -7.35 -1.35
CA GLN B 198 -6.16 -7.66 -2.60
CA GLN B 198 -6.27 -7.55 -2.73
C GLN B 198 -5.24 -6.51 -3.15
N THR B 199 -5.56 -5.23 -2.90
CA THR B 199 -4.67 -4.15 -3.30
C THR B 199 -3.30 -4.24 -2.64
N GLU B 200 -3.32 -4.33 -1.33
CA GLU B 200 -2.06 -4.33 -0.56
C GLU B 200 -1.23 -5.57 -0.84
N MET B 201 -1.89 -6.71 -0.94
CA MET B 201 -1.20 -7.97 -1.24
C MET B 201 -0.53 -7.81 -2.60
N SER B 202 -1.26 -7.24 -3.58
CA SER B 202 -0.75 -7.28 -4.98
C SER B 202 0.57 -6.48 -5.07
N HIS B 203 0.74 -5.44 -4.22
CA HIS B 203 1.95 -4.62 -4.26
C HIS B 203 3.24 -5.39 -3.91
N GLN B 204 3.09 -6.64 -3.46
CA GLN B 204 4.20 -7.50 -3.18
C GLN B 204 4.57 -8.43 -4.37
N PHE B 205 3.71 -8.46 -5.42
CA PHE B 205 3.83 -9.48 -6.50
C PHE B 205 3.80 -8.90 -7.90
N LEU B 206 3.95 -7.56 -7.99
CA LEU B 206 3.76 -6.96 -9.32
C LEU B 206 4.88 -7.33 -10.32
N ASN B 207 6.02 -7.79 -9.80
CA ASN B 207 7.09 -8.24 -10.67
C ASN B 207 7.19 -9.78 -10.75
N SER B 208 6.07 -10.48 -10.45
CA SER B 208 6.07 -11.94 -10.51
C SER B 208 5.46 -12.38 -11.86
N PRO B 209 6.29 -12.86 -12.80
CA PRO B 209 5.65 -13.20 -14.12
C PRO B 209 4.53 -14.24 -14.00
N SER B 210 4.63 -15.18 -13.03
CA SER B 210 3.64 -16.26 -12.94
C SER B 210 2.23 -15.70 -12.60
N CYS B 211 2.17 -14.44 -12.11
CA CYS B 211 0.93 -13.90 -11.60
C CYS B 211 0.23 -13.02 -12.61
N PHE B 212 0.70 -12.96 -13.86
CA PHE B 212 0.09 -12.06 -14.91
C PHE B 212 -0.02 -12.81 -16.22
N ALA B 213 -0.99 -12.36 -17.02
CA ALA B 213 -1.22 -12.94 -18.31
C ALA B 213 0.09 -12.90 -19.17
N ASN B 214 0.22 -13.82 -20.11
CA ASN B 214 1.37 -13.85 -21.05
C ASN B 214 1.57 -12.50 -21.70
N ASP B 215 2.81 -12.01 -21.59
CA ASP B 215 3.23 -10.73 -22.22
C ASP B 215 2.65 -9.49 -21.56
N TYR B 216 2.01 -9.64 -20.40
CA TYR B 216 1.64 -8.44 -19.64
C TYR B 216 2.94 -7.72 -19.26
N PRO B 217 2.99 -6.39 -19.42
CA PRO B 217 4.27 -5.72 -19.13
C PRO B 217 4.43 -5.46 -17.60
N LEU B 218 5.30 -6.19 -16.98
CA LEU B 218 5.58 -5.95 -15.53
C LEU B 218 6.37 -4.68 -15.35
N PRO B 219 6.29 -4.07 -14.16
CA PRO B 219 6.96 -2.74 -14.03
C PRO B 219 8.49 -2.81 -14.18
N ASP B 220 9.08 -3.97 -13.88
CA ASP B 220 10.56 -4.15 -14.04
C ASP B 220 10.98 -4.48 -15.48
N GLY B 221 10.03 -4.45 -16.44
CA GLY B 221 10.38 -4.66 -17.87
C GLY B 221 10.30 -6.12 -18.31
N GLU B 222 10.15 -7.03 -17.37
CA GLU B 222 9.93 -8.43 -17.73
C GLU B 222 8.45 -8.62 -18.17
N SER B 223 8.17 -9.76 -18.80
CA SER B 223 6.87 -10.07 -19.35
C SER B 223 6.12 -11.08 -18.48
N GLY B 224 4.79 -10.91 -18.34
CA GLY B 224 3.99 -11.95 -17.68
C GLY B 224 4.16 -13.29 -18.42
N GLN B 225 4.04 -14.36 -17.65
CA GLN B 225 4.12 -15.73 -18.11
C GLN B 225 3.29 -16.53 -17.13
N GLY B 226 1.97 -16.42 -17.28
CA GLY B 226 1.11 -16.78 -16.15
C GLY B 226 1.15 -18.24 -15.83
N ASN B 227 1.01 -18.53 -14.54
CA ASN B 227 0.97 -19.93 -14.06
C ASN B 227 0.39 -19.87 -12.69
N ALA B 228 -0.90 -20.13 -12.61
CA ALA B 228 -1.66 -19.90 -11.38
C ALA B 228 -1.08 -20.72 -10.22
N PRO B 229 -0.82 -22.03 -10.41
CA PRO B 229 -0.26 -22.73 -9.27
C PRO B 229 1.06 -22.14 -8.73
N SER B 230 1.92 -21.70 -9.64
CA SER B 230 3.17 -21.05 -9.22
CA SER B 230 3.17 -21.05 -9.26
C SER B 230 2.90 -19.74 -8.52
N CYS B 231 2.01 -18.91 -9.07
CA CYS B 231 1.67 -17.61 -8.42
C CYS B 231 1.12 -17.89 -7.05
N LYS B 232 0.28 -18.92 -6.95
CA LYS B 232 -0.35 -19.27 -5.69
C LYS B 232 0.72 -19.56 -4.65
N GLU B 233 1.73 -20.36 -5.02
CA GLU B 233 2.80 -20.69 -4.04
C GLU B 233 3.52 -19.40 -3.61
N GLU B 234 3.70 -18.45 -4.52
CA GLU B 234 4.32 -17.15 -4.07
C GLU B 234 3.44 -16.44 -3.04
N VAL B 235 2.16 -16.37 -3.31
CA VAL B 235 1.23 -15.63 -2.42
C VAL B 235 1.14 -16.38 -1.08
N THR B 236 1.16 -17.72 -1.11
CA THR B 236 1.12 -18.52 0.13
C THR B 236 2.29 -18.12 1.05
N SER B 237 3.46 -17.74 0.51
CA SER B 237 4.55 -17.31 1.43
C SER B 237 4.16 -16.05 2.21
N LEU B 238 3.43 -15.12 1.57
CA LEU B 238 2.96 -13.94 2.30
C LEU B 238 1.90 -14.35 3.33
N MET B 239 1.01 -15.25 2.95
CA MET B 239 -0.03 -15.68 3.90
C MET B 239 0.54 -16.33 5.15
N ASN B 240 1.49 -17.27 4.94
CA ASN B 240 1.89 -18.16 6.03
C ASN B 240 3.24 -17.81 6.60
N SER B 241 4.27 -17.60 5.76
CA SER B 241 5.57 -17.30 6.34
C SER B 241 5.57 -15.92 7.02
N VAL B 242 4.83 -14.97 6.46
CA VAL B 242 4.76 -13.63 7.02
C VAL B 242 3.58 -13.57 8.01
N HIS B 243 2.35 -13.70 7.54
CA HIS B 243 1.22 -13.41 8.44
C HIS B 243 0.79 -14.57 9.34
N LYS B 244 1.33 -15.76 9.11
CA LYS B 244 1.01 -16.97 9.93
C LYS B 244 -0.52 -17.26 9.88
N VAL B 245 -1.17 -17.04 8.72
CA VAL B 245 -2.64 -17.27 8.66
C VAL B 245 -2.95 -18.72 9.06
N ASN B 246 -2.22 -19.67 8.48
CA ASN B 246 -2.47 -21.05 8.76
C ASN B 246 -2.40 -21.38 10.26
N GLN B 247 -1.34 -20.94 10.92
CA GLN B 247 -1.15 -21.28 12.34
C GLN B 247 -2.24 -20.69 13.21
N GLN B 248 -2.79 -19.53 12.80
CA GLN B 248 -3.80 -18.85 13.60
C GLN B 248 -5.17 -19.44 13.35
N ILE B 249 -5.48 -19.75 12.10
CA ILE B 249 -6.85 -20.08 11.73
C ILE B 249 -7.09 -21.61 11.71
N GLN B 250 -6.18 -22.38 11.15
CA GLN B 250 -6.50 -23.79 10.91
C GLN B 250 -6.87 -24.56 12.22
N PRO B 251 -6.14 -24.33 13.33
CA PRO B 251 -6.42 -25.17 14.52
C PRO B 251 -7.82 -24.90 15.03
N LEU B 252 -8.27 -23.65 14.88
CA LEU B 252 -9.62 -23.22 15.33
C LEU B 252 -10.72 -23.77 14.46
N LEU B 253 -10.53 -23.70 13.15
CA LEU B 253 -11.51 -24.31 12.23
C LEU B 253 -11.54 -25.82 12.33
N ALA B 254 -10.39 -26.46 12.57
CA ALA B 254 -10.41 -27.90 12.74
C ALA B 254 -11.32 -28.28 13.90
N LEU B 255 -11.25 -27.50 14.98
CA LEU B 255 -12.08 -27.80 16.16
C LEU B 255 -13.52 -27.29 16.07
N ASN B 256 -13.80 -26.34 15.16
CA ASN B 256 -15.11 -25.65 15.09
C ASN B 256 -15.59 -25.64 13.63
N PRO B 257 -15.82 -26.83 13.04
CA PRO B 257 -16.04 -26.84 11.58
C PRO B 257 -17.23 -26.03 11.15
N VAL B 258 -17.07 -25.44 9.97
CA VAL B 258 -18.10 -24.62 9.36
C VAL B 258 -18.91 -25.49 8.38
N ASN B 259 -20.22 -25.37 8.43
CA ASN B 259 -21.06 -26.18 7.50
C ASN B 259 -21.28 -25.51 6.15
N GLU B 260 -21.43 -24.19 6.17
CA GLU B 260 -21.66 -23.40 4.95
CA GLU B 260 -21.68 -23.38 4.96
C GLU B 260 -20.83 -22.14 5.02
N TRP B 261 -20.12 -21.90 3.92
CA TRP B 261 -19.25 -20.71 3.72
C TRP B 261 -19.90 -19.70 2.80
N TYR B 262 -19.86 -18.43 3.20
CA TYR B 262 -20.29 -17.34 2.35
C TYR B 262 -19.17 -16.34 2.26
N SER B 263 -18.85 -15.88 1.04
CA SER B 263 -17.81 -14.89 0.76
CA SER B 263 -17.86 -14.83 0.90
C SER B 263 -18.51 -13.62 0.26
N ILE B 264 -18.11 -12.47 0.79
CA ILE B 264 -18.57 -11.18 0.25
C ILE B 264 -17.29 -10.38 -0.10
N GLY B 265 -17.48 -9.12 -0.50
CA GLY B 265 -16.35 -8.33 -0.92
C GLY B 265 -15.99 -8.56 -2.42
N GLY B 266 -14.73 -8.29 -2.78
CA GLY B 266 -14.35 -8.21 -4.15
C GLY B 266 -14.45 -9.53 -4.90
N ILE B 267 -14.42 -10.66 -4.20
CA ILE B 267 -14.41 -11.98 -4.86
C ILE B 267 -15.73 -12.13 -5.63
N SER B 268 -16.80 -11.46 -5.21
CA SER B 268 -18.03 -11.64 -5.95
CA SER B 268 -18.08 -11.52 -5.94
C SER B 268 -17.92 -11.04 -7.35
N TYR B 269 -17.10 -9.98 -7.53
CA TYR B 269 -16.97 -9.39 -8.86
C TYR B 269 -16.17 -10.34 -9.77
N LEU B 270 -15.12 -10.97 -9.19
CA LEU B 270 -14.28 -11.89 -9.97
C LEU B 270 -15.11 -13.09 -10.40
N ALA B 271 -15.84 -13.67 -9.45
CA ALA B 271 -16.60 -14.90 -9.78
C ALA B 271 -17.73 -14.63 -10.80
N SER B 272 -18.24 -13.38 -10.84
CA SER B 272 -19.29 -12.99 -11.71
C SER B 272 -18.81 -12.47 -13.08
N SER B 273 -17.49 -12.41 -13.31
CA SER B 273 -17.05 -11.82 -14.56
CA SER B 273 -16.86 -11.92 -14.57
C SER B 273 -17.25 -12.80 -15.74
N GLN B 274 -17.20 -12.26 -16.96
CA GLN B 274 -17.43 -12.96 -18.21
CA GLN B 274 -17.52 -13.09 -18.12
C GLN B 274 -16.51 -14.19 -18.37
N LEU B 275 -15.28 -14.00 -17.92
CA LEU B 275 -14.19 -15.02 -18.08
C LEU B 275 -14.46 -16.28 -17.27
N PHE B 276 -15.26 -16.20 -16.19
CA PHE B 276 -15.52 -17.31 -15.30
C PHE B 276 -16.92 -17.91 -15.54
N HIS B 277 -17.07 -19.19 -15.19
CA HIS B 277 -18.38 -19.80 -15.18
C HIS B 277 -18.64 -20.54 -13.87
N PHE B 278 -19.63 -20.07 -13.09
CA PHE B 278 -20.07 -20.82 -11.90
C PHE B 278 -21.59 -20.85 -11.89
N GLU B 279 -22.15 -21.91 -11.36
CA GLU B 279 -23.59 -22.05 -11.28
C GLU B 279 -24.00 -21.82 -9.85
N ASN B 280 -25.25 -21.39 -9.64
CA ASN B 280 -25.84 -21.36 -8.32
C ASN B 280 -25.13 -20.41 -7.36
N SER B 281 -24.43 -19.39 -7.88
CA SER B 281 -23.75 -18.39 -7.05
C SER B 281 -22.83 -19.12 -6.08
N GLU B 282 -22.15 -20.19 -6.54
CA GLU B 282 -21.19 -20.78 -5.64
C GLU B 282 -19.95 -21.21 -6.46
N LEU B 283 -18.81 -21.21 -5.80
CA LEU B 283 -17.54 -21.58 -6.45
C LEU B 283 -16.84 -22.63 -5.58
N THR B 284 -15.79 -23.24 -6.12
CA THR B 284 -14.85 -23.97 -5.28
C THR B 284 -13.50 -23.38 -5.58
N ASN B 285 -12.57 -23.48 -4.61
CA ASN B 285 -11.23 -23.00 -4.87
C ASN B 285 -10.56 -23.72 -6.03
N GLN B 286 -10.70 -25.06 -6.12
CA GLN B 286 -10.06 -25.81 -7.20
C GLN B 286 -10.53 -25.20 -8.55
N SER B 287 -11.84 -24.96 -8.68
CA SER B 287 -12.37 -24.51 -9.95
C SER B 287 -11.98 -23.02 -10.22
N LEU B 288 -11.93 -22.20 -9.18
CA LEU B 288 -11.56 -20.82 -9.39
C LEU B 288 -10.07 -20.74 -9.85
N LEU B 289 -9.18 -21.54 -9.25
CA LEU B 289 -7.76 -21.52 -9.64
C LEU B 289 -7.61 -22.06 -11.10
N GLN B 290 -8.29 -23.19 -11.40
CA GLN B 290 -8.21 -23.76 -12.76
C GLN B 290 -8.73 -22.77 -13.82
N GLN B 291 -9.88 -22.14 -13.52
CA GLN B 291 -10.48 -21.21 -14.51
C GLN B 291 -9.60 -20.00 -14.71
N GLY B 292 -9.05 -19.46 -13.64
CA GLY B 292 -8.16 -18.27 -13.74
C GLY B 292 -6.91 -18.65 -14.54
N ASP B 293 -6.39 -19.86 -14.26
CA ASP B 293 -5.23 -20.34 -14.99
C ASP B 293 -5.47 -20.46 -16.48
N ASN B 294 -6.59 -21.06 -16.82
CA ASN B 294 -6.89 -21.38 -18.24
C ASN B 294 -7.26 -20.10 -18.98
N GLN B 295 -8.06 -19.25 -18.34
CA GLN B 295 -8.74 -18.08 -19.00
C GLN B 295 -7.96 -16.78 -18.97
N ILE B 296 -7.05 -16.66 -18.03
CA ILE B 296 -6.24 -15.43 -17.91
C ILE B 296 -4.76 -15.71 -17.89
N CYS B 297 -4.28 -16.53 -16.95
CA CYS B 297 -2.82 -16.68 -16.77
C CYS B 297 -2.16 -17.13 -18.10
N HIS B 298 -2.82 -18.09 -18.78
CA HIS B 298 -2.24 -18.70 -19.97
C HIS B 298 -2.77 -18.08 -21.29
N GLN B 299 -3.33 -16.88 -21.20
CA GLN B 299 -3.76 -16.15 -22.37
C GLN B 299 -2.87 -14.96 -22.66
N GLN B 300 -3.00 -14.42 -23.86
CA GLN B 300 -2.16 -13.30 -24.26
CA GLN B 300 -2.19 -13.30 -24.32
C GLN B 300 -2.79 -11.97 -23.81
N TRP B 301 -1.99 -11.20 -23.08
CA TRP B 301 -2.50 -9.97 -22.48
C TRP B 301 -3.18 -9.01 -23.44
N ASP B 302 -2.53 -8.66 -24.57
CA ASP B 302 -3.11 -7.66 -25.50
CA ASP B 302 -3.17 -7.61 -25.38
C ASP B 302 -4.48 -8.09 -26.01
N ILE B 303 -4.59 -9.38 -26.36
CA ILE B 303 -5.86 -9.94 -26.85
C ILE B 303 -6.92 -9.86 -25.77
N LEU B 304 -6.59 -10.27 -24.56
CA LEU B 304 -7.53 -10.25 -23.48
C LEU B 304 -7.97 -8.79 -23.16
N ASN B 305 -6.98 -7.87 -23.06
CA ASN B 305 -7.26 -6.47 -22.76
C ASN B 305 -8.23 -5.91 -23.82
N GLY B 306 -7.99 -6.24 -25.09
CA GLY B 306 -8.83 -5.70 -26.17
C GLY B 306 -10.24 -6.31 -26.12
N GLN B 307 -10.33 -7.57 -25.68
CA GLN B 307 -11.63 -8.32 -25.62
C GLN B 307 -12.53 -7.92 -24.46
N TYR B 308 -11.92 -7.45 -23.35
CA TYR B 308 -12.70 -7.06 -22.13
C TYR B 308 -12.34 -5.64 -21.74
N PRO B 309 -12.72 -4.64 -22.57
CA PRO B 309 -12.19 -3.29 -22.34
C PRO B 309 -12.80 -2.57 -21.10
N ASP B 310 -13.91 -3.11 -20.56
CA ASP B 310 -14.59 -2.63 -19.33
C ASP B 310 -14.10 -3.16 -18.00
N ASP B 311 -13.32 -4.25 -17.98
CA ASP B 311 -12.94 -4.88 -16.74
C ASP B 311 -11.66 -4.10 -16.29
N GLU B 312 -11.74 -2.98 -15.53
CA GLU B 312 -10.47 -2.26 -15.18
C GLU B 312 -9.60 -3.09 -14.20
N TYR B 313 -10.12 -4.23 -13.72
CA TYR B 313 -9.44 -5.10 -12.80
CA TYR B 313 -9.22 -5.05 -12.87
C TYR B 313 -8.81 -6.34 -13.52
N LEU B 314 -9.13 -6.47 -14.80
CA LEU B 314 -8.76 -7.64 -15.60
C LEU B 314 -7.30 -8.03 -15.48
N TYR B 315 -6.42 -7.06 -15.47
CA TYR B 315 -5.00 -7.39 -15.49
C TYR B 315 -4.56 -8.16 -14.25
N GLN B 316 -5.33 -8.06 -13.16
CA GLN B 316 -4.99 -8.78 -11.95
CA GLN B 316 -5.03 -8.75 -11.92
C GLN B 316 -5.75 -10.08 -11.80
N TYR B 317 -6.53 -10.49 -12.81
CA TYR B 317 -7.33 -11.71 -12.56
C TYR B 317 -6.53 -13.00 -12.36
N CYS B 318 -5.39 -13.14 -13.05
CA CYS B 318 -4.53 -14.34 -12.82
C CYS B 318 -4.04 -14.36 -11.33
N LEU B 319 -3.53 -13.18 -10.90
CA LEU B 319 -3.07 -13.00 -9.52
C LEU B 319 -4.21 -13.27 -8.53
N LEU B 320 -5.40 -12.69 -8.79
CA LEU B 320 -6.48 -12.81 -7.81
C LEU B 320 -6.95 -14.26 -7.66
N SER B 321 -7.06 -14.98 -8.79
CA SER B 321 -7.51 -16.39 -8.73
C SER B 321 -6.49 -17.19 -7.87
N SER B 322 -5.19 -16.89 -8.03
CA SER B 322 -4.10 -17.57 -7.32
C SER B 322 -4.14 -17.17 -5.85
N TYR B 323 -4.35 -15.86 -5.63
CA TYR B 323 -4.36 -15.36 -4.24
C TYR B 323 -5.57 -15.85 -3.43
N TYR B 324 -6.75 -15.92 -4.03
CA TYR B 324 -7.91 -16.42 -3.27
C TYR B 324 -7.69 -17.89 -2.85
N TYR B 325 -7.11 -18.69 -3.75
CA TYR B 325 -6.78 -20.06 -3.38
C TYR B 325 -5.72 -20.07 -2.24
N ALA B 326 -4.65 -19.29 -2.39
CA ALA B 326 -3.65 -19.25 -1.34
C ALA B 326 -4.30 -18.91 0.05
N LEU B 327 -5.16 -17.91 0.06
CA LEU B 327 -5.81 -17.44 1.28
C LEU B 327 -6.72 -18.53 1.86
N MET B 328 -7.64 -19.04 1.05
CA MET B 328 -8.66 -19.92 1.57
C MET B 328 -8.13 -21.34 1.84
N VAL B 329 -7.36 -21.86 0.88
CA VAL B 329 -6.87 -23.24 0.99
C VAL B 329 -5.57 -23.29 1.83
N ASP B 330 -4.52 -22.61 1.38
CA ASP B 330 -3.26 -22.68 2.12
C ASP B 330 -3.32 -21.96 3.46
N GLY B 331 -4.03 -20.81 3.49
CA GLY B 331 -4.19 -20.04 4.75
C GLY B 331 -5.23 -20.64 5.68
N TYR B 332 -6.52 -20.54 5.30
CA TYR B 332 -7.57 -20.98 6.20
C TYR B 332 -7.70 -22.52 6.33
N GLY B 333 -7.16 -23.26 5.38
CA GLY B 333 -7.27 -24.72 5.41
C GLY B 333 -8.58 -25.29 4.85
N ILE B 334 -9.32 -24.47 4.10
CA ILE B 334 -10.55 -24.92 3.46
C ILE B 334 -10.19 -25.94 2.34
N ASN B 335 -10.95 -27.01 2.19
CA ASN B 335 -10.70 -28.01 1.10
CA ASN B 335 -10.63 -27.96 1.14
C ASN B 335 -10.82 -27.35 -0.27
N PRO B 336 -9.92 -27.69 -1.23
CA PRO B 336 -10.07 -27.14 -2.58
C PRO B 336 -11.45 -27.43 -3.22
N ASN B 337 -12.10 -28.52 -2.82
CA ASN B 337 -13.38 -28.82 -3.48
CA ASN B 337 -13.39 -28.98 -3.35
C ASN B 337 -14.61 -28.40 -2.63
N GLN B 338 -14.35 -27.66 -1.54
CA GLN B 338 -15.44 -27.17 -0.73
C GLN B 338 -16.20 -26.02 -1.41
N THR B 339 -17.54 -26.15 -1.45
CA THR B 339 -18.37 -25.06 -1.99
C THR B 339 -18.27 -23.79 -1.16
N ILE B 340 -18.10 -22.65 -1.84
CA ILE B 340 -18.08 -21.34 -1.19
C ILE B 340 -19.20 -20.54 -1.88
N HIS B 341 -20.22 -20.13 -1.15
CA HIS B 341 -21.26 -19.30 -1.73
C HIS B 341 -20.78 -17.89 -1.89
N TYR B 342 -21.18 -17.21 -2.96
CA TYR B 342 -20.91 -15.75 -3.04
C TYR B 342 -22.25 -15.07 -3.39
N ILE B 343 -22.31 -13.75 -3.18
CA ILE B 343 -23.54 -13.02 -3.32
C ILE B 343 -23.39 -12.14 -4.53
N PRO B 344 -24.35 -12.17 -5.49
CA PRO B 344 -24.27 -11.28 -6.66
C PRO B 344 -23.96 -9.85 -6.24
N PRO B 345 -23.02 -9.19 -6.94
CA PRO B 345 -22.66 -7.81 -6.55
C PRO B 345 -23.88 -6.88 -6.61
N GLU B 346 -24.83 -7.13 -7.51
CA GLU B 346 -25.99 -6.26 -7.64
C GLU B 346 -26.89 -6.25 -6.37
N GLN B 347 -26.71 -7.21 -5.45
CA GLN B 347 -27.44 -7.22 -4.15
C GLN B 347 -26.91 -6.23 -3.12
N ASN B 348 -25.76 -5.65 -3.44
CA ASN B 348 -25.15 -4.58 -2.56
C ASN B 348 -24.91 -5.03 -1.13
N LEU B 349 -24.56 -6.30 -0.94
CA LEU B 349 -24.43 -6.86 0.41
C LEU B 349 -23.01 -6.66 0.88
N ASP B 350 -22.83 -5.63 1.68
CA ASP B 350 -21.57 -5.44 2.40
C ASP B 350 -21.94 -5.59 3.87
N TRP B 351 -21.08 -5.17 4.79
CA TRP B 351 -21.30 -5.34 6.20
C TRP B 351 -22.27 -4.33 6.80
N THR B 352 -22.75 -3.35 5.99
CA THR B 352 -23.49 -2.23 6.59
C THR B 352 -24.82 -2.61 7.26
N ILE B 353 -25.48 -3.67 6.79
CA ILE B 353 -26.69 -4.17 7.46
C ILE B 353 -26.35 -4.52 8.91
N GLY B 354 -25.11 -5.00 9.17
CA GLY B 354 -24.75 -5.30 10.53
C GLY B 354 -24.82 -4.08 11.46
N VAL B 355 -24.54 -2.85 10.95
CA VAL B 355 -24.61 -1.61 11.75
C VAL B 355 -26.10 -1.39 12.07
N VAL B 356 -27.01 -1.63 11.13
CA VAL B 356 -28.42 -1.43 11.42
C VAL B 356 -28.81 -2.28 12.63
N LEU B 357 -28.34 -3.54 12.62
CA LEU B 357 -28.75 -4.52 13.66
C LEU B 357 -28.07 -4.31 15.02
N HIS B 358 -26.86 -3.74 15.02
CA HIS B 358 -25.96 -3.80 16.15
C HIS B 358 -25.14 -2.51 16.20
N ARG B 359 -25.53 -1.55 17.06
CA ARG B 359 -24.88 -0.21 17.06
C ARG B 359 -23.59 -0.11 17.89
N ALA B 360 -23.32 -1.08 18.73
CA ALA B 360 -22.08 -1.07 19.54
C ALA B 360 -20.83 -1.43 18.71
N LEU B 361 -19.69 -0.93 19.16
CA LEU B 361 -18.37 -1.38 18.67
C LEU B 361 -17.63 -2.03 19.84
N GLU B 362 -16.71 -2.97 19.57
N GLU B 362 -16.39 -2.44 19.52
CA GLU B 362 -16.21 -3.88 20.67
CA GLU B 362 -15.33 -2.72 20.52
C GLU B 362 -15.28 -3.19 21.68
C GLU B 362 -14.54 -1.49 21.05
#